data_9KRR
#
_entry.id   9KRR
#
_cell.length_a   74.899
_cell.length_b   74.437
_cell.length_c   133.182
_cell.angle_alpha   90.000
_cell.angle_beta   106.111
_cell.angle_gamma   90.000
#
_symmetry.space_group_name_H-M   'P 1 21 1'
#
loop_
_entity.id
_entity.type
_entity.pdbx_description
1 polymer 'Cytochrome c6'
2 non-polymer 'HEME C'
3 non-polymer 'SULFATE ION'
4 non-polymer 'IODIDE ION'
5 water water
#
_entity_poly.entity_id   1
_entity_poly.type   'polypeptide(L)'
_entity_poly.pdbx_seq_one_letter_code
;GSADLAHGKAIFAGNCAACHNGGLNAINPSKTLKMADLEANGKNSVAAIVAQITNGNGAMPGFKGRISDSDMEDVAAYVL
DQAEKGW
;
_entity_poly.pdbx_strand_id   A,B,C,D,E,F,G,H,I,J,K,L
#
loop_
_chem_comp.id
_chem_comp.type
_chem_comp.name
_chem_comp.formula
HEC non-polymer 'HEME C' 'C34 H34 Fe N4 O4'
IOD non-polymer 'IODIDE ION' 'I -1'
SO4 non-polymer 'SULFATE ION' 'O4 S -2'
#
# COMPACT_ATOMS: atom_id res chain seq x y z
N GLY A 1 9.24 -18.10 1.78
CA GLY A 1 9.07 -16.94 0.93
C GLY A 1 9.29 -15.62 1.65
N SER A 2 9.45 -14.55 0.88
CA SER A 2 9.62 -13.22 1.46
C SER A 2 8.29 -12.53 1.66
N ALA A 3 8.23 -11.72 2.72
CA ALA A 3 7.09 -10.84 2.92
C ALA A 3 7.05 -9.73 1.87
N ASP A 4 8.22 -9.29 1.40
CA ASP A 4 8.27 -8.31 0.32
C ASP A 4 7.64 -8.87 -0.95
N LEU A 5 7.96 -10.13 -1.27
CA LEU A 5 7.40 -10.74 -2.48
C LEU A 5 5.89 -10.86 -2.36
N ALA A 6 5.40 -11.33 -1.22
CA ALA A 6 3.95 -11.45 -1.04
C ALA A 6 3.29 -10.08 -1.13
N HIS A 7 3.94 -9.04 -0.61
CA HIS A 7 3.38 -7.71 -0.73
C HIS A 7 3.41 -7.24 -2.19
N GLY A 8 4.51 -7.49 -2.88
CA GLY A 8 4.58 -7.13 -4.29
C GLY A 8 3.52 -7.84 -5.12
N LYS A 9 3.28 -9.12 -4.81
CA LYS A 9 2.24 -9.88 -5.50
C LYS A 9 0.88 -9.20 -5.37
N ALA A 10 0.53 -8.74 -4.16
CA ALA A 10 -0.77 -8.10 -3.97
C ALA A 10 -0.85 -6.77 -4.72
N ILE A 11 0.22 -5.98 -4.67
CA ILE A 11 0.26 -4.73 -5.42
C ILE A 11 0.15 -5.01 -6.91
N PHE A 12 0.81 -6.06 -7.39
CA PHE A 12 0.73 -6.42 -8.81
C PHE A 12 -0.72 -6.73 -9.19
N ALA A 13 -1.41 -7.52 -8.35
CA ALA A 13 -2.79 -7.89 -8.66
C ALA A 13 -3.69 -6.66 -8.74
N GLY A 14 -3.44 -5.64 -7.92
CA GLY A 14 -4.30 -4.48 -7.93
C GLY A 14 -3.99 -3.50 -9.04
N ASN A 15 -2.76 -3.46 -9.52
CA ASN A 15 -2.32 -2.42 -10.42
C ASN A 15 -1.87 -2.91 -11.78
N CYS A 16 -1.45 -4.17 -11.90
CA CYS A 16 -0.79 -4.65 -13.10
C CYS A 16 -1.45 -5.83 -13.76
N ALA A 17 -2.18 -6.65 -12.99
CA ALA A 17 -2.63 -7.95 -13.48
C ALA A 17 -3.68 -7.85 -14.58
N ALA A 18 -4.43 -6.75 -14.65
CA ALA A 18 -5.42 -6.62 -15.73
C ALA A 18 -4.74 -6.55 -17.09
N CYS A 19 -3.62 -5.84 -17.16
CA CYS A 19 -2.89 -5.68 -18.41
C CYS A 19 -1.81 -6.74 -18.59
N HIS A 20 -1.30 -7.31 -17.49
CA HIS A 20 -0.22 -8.29 -17.54
C HIS A 20 -0.63 -9.58 -16.86
N ASN A 21 -1.83 -10.07 -17.16
CA ASN A 21 -2.32 -11.30 -16.52
C ASN A 21 -1.37 -12.45 -16.79
N GLY A 22 -0.91 -13.11 -15.72
CA GLY A 22 -0.01 -14.24 -15.89
C GLY A 22 1.31 -13.89 -16.52
N GLY A 23 1.75 -12.63 -16.39
CA GLY A 23 3.00 -12.20 -16.95
C GLY A 23 2.96 -11.94 -18.44
N LEU A 24 1.78 -11.92 -19.04
CA LEU A 24 1.66 -11.64 -20.48
C LEU A 24 1.51 -10.13 -20.69
N ASN A 25 0.89 -9.74 -21.81
CA ASN A 25 0.63 -8.33 -22.10
C ASN A 25 -0.55 -8.29 -23.08
N ALA A 26 -1.73 -7.91 -22.58
CA ALA A 26 -2.93 -7.90 -23.41
C ALA A 26 -2.78 -6.97 -24.62
N ILE A 27 -2.28 -5.75 -24.39
CA ILE A 27 -2.24 -4.74 -25.45
C ILE A 27 -1.16 -5.07 -26.47
N ASN A 28 0.06 -5.37 -26.00
CA ASN A 28 1.24 -5.47 -26.84
C ASN A 28 1.90 -6.81 -26.56
N PRO A 29 1.56 -7.84 -27.33
CA PRO A 29 2.04 -9.19 -27.03
C PRO A 29 3.55 -9.34 -27.13
N SER A 30 4.27 -8.38 -27.72
CA SER A 30 5.71 -8.50 -27.79
C SER A 30 6.42 -8.02 -26.52
N LYS A 31 5.69 -7.43 -25.58
CA LYS A 31 6.32 -6.89 -24.37
C LYS A 31 5.79 -7.56 -23.12
N THR A 32 5.98 -8.88 -23.00
CA THR A 32 5.50 -9.61 -21.82
C THR A 32 6.46 -9.40 -20.65
N LEU A 33 6.11 -10.01 -19.52
CA LEU A 33 6.97 -10.06 -18.36
C LEU A 33 7.78 -11.35 -18.28
N LYS A 34 7.80 -12.12 -19.36
CA LYS A 34 8.69 -13.28 -19.43
C LYS A 34 10.14 -12.81 -19.43
N MET A 35 11.02 -13.60 -18.80
CA MET A 35 12.42 -13.17 -18.69
C MET A 35 13.04 -12.88 -20.05
N ALA A 36 12.72 -13.71 -21.05
CA ALA A 36 13.33 -13.53 -22.37
C ALA A 36 12.93 -12.19 -22.98
N ASP A 37 11.66 -11.78 -22.81
CA ASP A 37 11.24 -10.47 -23.29
C ASP A 37 11.87 -9.35 -22.46
N LEU A 38 11.93 -9.50 -21.13
CA LEU A 38 12.58 -8.50 -20.30
C LEU A 38 14.03 -8.31 -20.69
N GLU A 39 14.74 -9.42 -20.91
CA GLU A 39 16.15 -9.37 -21.28
C GLU A 39 16.33 -8.72 -22.64
N ALA A 40 15.49 -9.09 -23.61
CA ALA A 40 15.57 -8.53 -24.95
C ALA A 40 15.35 -7.02 -24.97
N ASN A 41 14.69 -6.48 -23.95
CA ASN A 41 14.40 -5.06 -23.89
C ASN A 41 15.21 -4.35 -22.82
N GLY A 42 16.21 -5.02 -22.24
CA GLY A 42 16.99 -4.44 -21.17
C GLY A 42 16.19 -4.09 -19.93
N LYS A 43 15.10 -4.81 -19.67
CA LYS A 43 14.26 -4.53 -18.51
C LYS A 43 14.42 -5.57 -17.40
N ASN A 44 15.41 -6.45 -17.51
CA ASN A 44 15.58 -7.53 -16.51
C ASN A 44 16.42 -7.06 -15.33
N SER A 45 15.91 -6.05 -14.61
CA SER A 45 16.55 -5.55 -13.40
C SER A 45 15.51 -4.82 -12.56
N VAL A 46 15.76 -4.75 -11.27
CA VAL A 46 14.86 -4.00 -10.38
C VAL A 46 14.76 -2.55 -10.81
N ALA A 47 15.91 -1.92 -11.07
CA ALA A 47 15.92 -0.51 -11.42
C ALA A 47 15.14 -0.23 -12.70
N ALA A 48 15.28 -1.09 -13.71
CA ALA A 48 14.58 -0.85 -14.96
C ALA A 48 13.08 -1.08 -14.82
N ILE A 49 12.65 -2.01 -13.96
CA ILE A 49 11.22 -2.21 -13.78
C ILE A 49 10.62 -1.06 -12.99
N VAL A 50 11.34 -0.58 -11.96
CA VAL A 50 10.89 0.59 -11.22
C VAL A 50 10.75 1.80 -12.16
N ALA A 51 11.72 1.99 -13.07
CA ALA A 51 11.62 3.10 -14.02
C ALA A 51 10.42 2.93 -14.94
N GLN A 52 10.15 1.70 -15.39
CA GLN A 52 8.98 1.44 -16.23
C GLN A 52 7.69 1.76 -15.48
N ILE A 53 7.59 1.34 -14.22
CA ILE A 53 6.39 1.61 -13.42
C ILE A 53 6.20 3.10 -13.23
N THR A 54 7.29 3.81 -12.94
CA THR A 54 7.24 5.23 -12.62
C THR A 54 6.81 6.06 -13.81
N ASN A 55 7.44 5.82 -14.97
CA ASN A 55 7.24 6.66 -16.15
C ASN A 55 6.24 6.09 -17.14
N GLY A 56 6.07 4.77 -17.17
CA GLY A 56 5.28 4.16 -18.21
C GLY A 56 5.97 4.29 -19.57
N ASN A 57 5.27 3.84 -20.60
CA ASN A 57 5.80 3.85 -21.96
C ASN A 57 4.68 3.43 -22.92
N GLY A 58 4.53 4.15 -24.02
CA GLY A 58 3.49 3.80 -24.99
C GLY A 58 2.13 3.74 -24.35
N ALA A 59 1.44 2.61 -24.54
CA ALA A 59 0.13 2.43 -23.95
C ALA A 59 0.16 2.08 -22.47
N MET A 60 1.34 1.92 -21.85
CA MET A 60 1.40 1.71 -20.41
C MET A 60 1.45 3.04 -19.69
N PRO A 61 0.51 3.35 -18.81
CA PRO A 61 0.58 4.59 -18.03
C PRO A 61 1.66 4.55 -16.96
N GLY A 62 2.09 5.74 -16.56
CA GLY A 62 2.99 5.86 -15.44
C GLY A 62 2.25 5.80 -14.11
N PHE A 63 2.96 5.40 -13.07
CA PHE A 63 2.38 5.30 -11.74
C PHE A 63 3.03 6.23 -10.72
N LYS A 64 3.88 7.16 -11.16
CA LYS A 64 4.46 8.14 -10.26
C LYS A 64 3.36 8.85 -9.48
N GLY A 65 3.52 8.90 -8.16
CA GLY A 65 2.53 9.51 -7.29
C GLY A 65 1.34 8.65 -6.95
N ARG A 66 1.16 7.50 -7.61
CA ARG A 66 0.07 6.58 -7.27
C ARG A 66 0.54 5.34 -6.54
N ILE A 67 1.82 4.98 -6.67
CA ILE A 67 2.43 3.86 -5.97
C ILE A 67 3.71 4.40 -5.34
N SER A 68 3.91 4.08 -4.06
CA SER A 68 5.11 4.55 -3.38
C SER A 68 6.35 3.87 -3.95
N ASP A 69 7.48 4.57 -3.83
CA ASP A 69 8.76 4.00 -4.27
C ASP A 69 9.02 2.67 -3.60
N SER A 70 8.72 2.55 -2.30
CA SER A 70 8.93 1.30 -1.61
C SER A 70 8.05 0.19 -2.16
N ASP A 71 6.79 0.52 -2.49
CA ASP A 71 5.92 -0.48 -3.10
C ASP A 71 6.36 -0.83 -4.51
N MET A 72 6.94 0.14 -5.23
CA MET A 72 7.45 -0.15 -6.56
C MET A 72 8.59 -1.15 -6.50
N GLU A 73 9.44 -1.04 -5.48
CA GLU A 73 10.50 -2.02 -5.28
C GLU A 73 9.93 -3.41 -5.01
N ASP A 74 8.89 -3.48 -4.17
CA ASP A 74 8.25 -4.78 -3.91
C ASP A 74 7.70 -5.40 -5.19
N VAL A 75 6.98 -4.63 -5.99
CA VAL A 75 6.39 -5.22 -7.19
C VAL A 75 7.48 -5.56 -8.20
N ALA A 76 8.54 -4.74 -8.29
CA ALA A 76 9.67 -5.10 -9.16
C ALA A 76 10.28 -6.43 -8.76
N ALA A 77 10.44 -6.67 -7.45
CA ALA A 77 11.02 -7.94 -7.01
C ALA A 77 10.07 -9.10 -7.27
N TYR A 78 8.77 -8.89 -7.07
CA TYR A 78 7.80 -9.91 -7.43
C TYR A 78 7.90 -10.27 -8.91
N VAL A 79 7.93 -9.27 -9.79
CA VAL A 79 7.92 -9.53 -11.24
C VAL A 79 9.17 -10.31 -11.65
N LEU A 80 10.33 -9.85 -11.21
CA LEU A 80 11.57 -10.51 -11.61
C LEU A 80 11.64 -11.94 -11.09
N ASP A 81 11.12 -12.17 -9.87
CA ASP A 81 11.10 -13.52 -9.31
C ASP A 81 10.19 -14.44 -10.10
N GLN A 82 8.98 -13.97 -10.39
CA GLN A 82 8.09 -14.75 -11.27
C GLN A 82 8.76 -15.00 -12.61
N ALA A 83 9.41 -13.98 -13.18
CA ALA A 83 10.06 -14.16 -14.47
C ALA A 83 11.15 -15.21 -14.40
N GLU A 84 11.98 -15.16 -13.35
CA GLU A 84 13.08 -16.11 -13.25
C GLU A 84 12.57 -17.53 -13.04
N LYS A 85 11.55 -17.70 -12.21
CA LYS A 85 11.04 -19.04 -11.94
C LYS A 85 9.93 -19.45 -12.89
N GLY A 86 9.46 -18.56 -13.76
CA GLY A 86 8.43 -18.95 -14.70
C GLY A 86 7.04 -18.60 -14.18
N TRP A 87 6.30 -17.82 -14.95
CA TRP A 87 4.97 -17.38 -14.55
C TRP A 87 4.01 -18.56 -14.55
N SER B 2 -23.74 7.04 -44.98
CA SER B 2 -23.55 7.88 -43.79
C SER B 2 -22.07 8.25 -43.64
N ALA B 3 -21.77 9.54 -43.82
CA ALA B 3 -20.39 10.00 -43.61
C ALA B 3 -19.98 9.88 -42.14
N ASP B 4 -20.95 9.89 -41.21
CA ASP B 4 -20.62 9.87 -39.79
C ASP B 4 -20.16 8.48 -39.35
N LEU B 5 -20.88 7.42 -39.78
CA LEU B 5 -20.57 6.09 -39.28
C LEU B 5 -19.24 5.58 -39.84
N ALA B 6 -18.94 5.85 -41.11
CA ALA B 6 -17.65 5.44 -41.67
C ALA B 6 -16.50 6.22 -41.02
N HIS B 7 -16.72 7.51 -40.73
CA HIS B 7 -15.72 8.29 -40.00
C HIS B 7 -15.51 7.74 -38.58
N GLY B 8 -16.60 7.41 -37.88
CA GLY B 8 -16.44 6.82 -36.55
C GLY B 8 -15.69 5.51 -36.58
N LYS B 9 -15.94 4.70 -37.61
CA LYS B 9 -15.19 3.46 -37.78
C LYS B 9 -13.69 3.75 -37.91
N ALA B 10 -13.34 4.80 -38.66
CA ALA B 10 -11.94 5.13 -38.86
C ALA B 10 -11.31 5.65 -37.57
N ILE B 11 -12.02 6.52 -36.84
CA ILE B 11 -11.49 6.98 -35.56
C ILE B 11 -11.36 5.80 -34.58
N PHE B 12 -12.32 4.88 -34.61
CA PHE B 12 -12.24 3.70 -33.74
C PHE B 12 -11.02 2.85 -34.08
N ALA B 13 -10.75 2.62 -35.38
CA ALA B 13 -9.58 1.84 -35.75
C ALA B 13 -8.29 2.50 -35.28
N GLY B 14 -8.25 3.84 -35.27
CA GLY B 14 -7.04 4.55 -34.90
C GLY B 14 -6.81 4.76 -33.42
N ASN B 15 -7.86 4.63 -32.60
CA ASN B 15 -7.77 5.00 -31.19
C ASN B 15 -8.28 3.95 -30.21
N CYS B 16 -9.15 3.03 -30.64
CA CYS B 16 -9.83 2.11 -29.74
C CYS B 16 -9.53 0.65 -30.03
N ALA B 17 -9.10 0.31 -31.24
CA ALA B 17 -8.94 -1.08 -31.65
C ALA B 17 -7.79 -1.76 -30.92
N ALA B 18 -6.82 -0.99 -30.41
CA ALA B 18 -5.72 -1.59 -29.66
C ALA B 18 -6.22 -2.33 -28.42
N CYS B 19 -7.34 -1.89 -27.85
CA CYS B 19 -7.91 -2.51 -26.66
C CYS B 19 -9.28 -3.13 -26.86
N HIS B 20 -10.01 -2.74 -27.92
CA HIS B 20 -11.39 -3.19 -28.13
C HIS B 20 -11.56 -3.84 -29.50
N ASN B 21 -10.51 -4.50 -30.01
CA ASN B 21 -10.62 -5.17 -31.30
C ASN B 21 -11.79 -6.15 -31.28
N GLY B 22 -12.62 -6.09 -32.32
CA GLY B 22 -13.79 -6.94 -32.40
C GLY B 22 -14.85 -6.67 -31.36
N GLY B 23 -14.81 -5.49 -30.72
CA GLY B 23 -15.76 -5.18 -29.69
C GLY B 23 -15.47 -5.83 -28.36
N LEU B 24 -14.33 -6.49 -28.20
CA LEU B 24 -13.97 -7.16 -26.96
C LEU B 24 -13.24 -6.20 -26.02
N ASN B 25 -12.65 -6.76 -24.95
CA ASN B 25 -11.92 -5.97 -23.98
C ASN B 25 -10.98 -6.90 -23.22
N ALA B 26 -9.83 -7.22 -23.82
CA ALA B 26 -8.93 -8.20 -23.22
C ALA B 26 -8.44 -7.77 -21.83
N ILE B 27 -8.29 -6.46 -21.60
CA ILE B 27 -7.87 -5.98 -20.29
C ILE B 27 -8.92 -6.29 -19.22
N ASN B 28 -10.18 -5.97 -19.51
CA ASN B 28 -11.28 -6.25 -18.59
C ASN B 28 -12.39 -6.95 -19.36
N PRO B 29 -12.40 -8.29 -19.37
CA PRO B 29 -13.36 -9.01 -20.21
C PRO B 29 -14.81 -8.91 -19.75
N SER B 30 -15.06 -8.35 -18.58
CA SER B 30 -16.43 -8.10 -18.13
C SER B 30 -17.03 -6.82 -18.71
N LYS B 31 -16.24 -5.99 -19.43
CA LYS B 31 -16.73 -4.70 -19.95
C LYS B 31 -16.44 -4.59 -21.46
N THR B 32 -17.01 -5.49 -22.24
CA THR B 32 -16.85 -5.40 -23.69
C THR B 32 -17.77 -4.33 -24.27
N LEU B 33 -17.68 -4.14 -25.58
CA LEU B 33 -18.58 -3.28 -26.33
C LEU B 33 -19.78 -4.03 -26.90
N LYS B 34 -20.03 -5.27 -26.48
CA LYS B 34 -21.29 -5.92 -26.80
C LYS B 34 -22.44 -5.12 -26.19
N MET B 35 -23.56 -5.08 -26.91
CA MET B 35 -24.71 -4.32 -26.40
C MET B 35 -25.10 -4.79 -25.00
N ALA B 36 -25.03 -6.10 -24.74
CA ALA B 36 -25.39 -6.63 -23.44
C ALA B 36 -24.51 -6.07 -22.32
N ASP B 37 -23.20 -5.95 -22.57
CA ASP B 37 -22.31 -5.38 -21.54
C ASP B 37 -22.54 -3.88 -21.39
N LEU B 38 -22.77 -3.16 -22.49
CA LEU B 38 -23.12 -1.75 -22.40
C LEU B 38 -24.39 -1.53 -21.59
N GLU B 39 -25.40 -2.37 -21.80
CA GLU B 39 -26.63 -2.35 -20.99
C GLU B 39 -26.33 -2.65 -19.53
N ALA B 40 -25.45 -3.63 -19.26
CA ALA B 40 -25.12 -4.00 -17.90
C ALA B 40 -24.44 -2.87 -17.12
N ASN B 41 -23.85 -1.92 -17.83
CA ASN B 41 -23.12 -0.83 -17.18
C ASN B 41 -23.74 0.54 -17.42
N GLY B 42 -24.94 0.60 -17.97
CA GLY B 42 -25.55 1.88 -18.26
C GLY B 42 -24.81 2.70 -19.28
N LYS B 43 -24.12 2.05 -20.22
CA LYS B 43 -23.30 2.73 -21.21
C LYS B 43 -23.88 2.63 -22.61
N ASN B 44 -25.11 2.14 -22.75
CA ASN B 44 -25.73 1.91 -24.06
C ASN B 44 -26.42 3.19 -24.57
N SER B 45 -25.64 4.27 -24.67
CA SER B 45 -26.19 5.53 -25.14
C SER B 45 -25.05 6.40 -25.67
N VAL B 46 -25.39 7.34 -26.55
CA VAL B 46 -24.38 8.25 -27.08
C VAL B 46 -23.77 9.08 -25.96
N ALA B 47 -24.61 9.64 -25.08
CA ALA B 47 -24.08 10.46 -24.01
C ALA B 47 -23.10 9.69 -23.13
N ALA B 48 -23.43 8.44 -22.81
CA ALA B 48 -22.59 7.67 -21.91
C ALA B 48 -21.27 7.30 -22.56
N ILE B 49 -21.28 6.94 -23.84
CA ILE B 49 -20.04 6.57 -24.51
C ILE B 49 -19.17 7.80 -24.71
N VAL B 50 -19.77 8.95 -25.04
CA VAL B 50 -18.97 10.17 -25.17
C VAL B 50 -18.29 10.49 -23.85
N ALA B 51 -19.02 10.37 -22.73
CA ALA B 51 -18.40 10.61 -21.42
C ALA B 51 -17.26 9.64 -21.15
N GLN B 52 -17.43 8.36 -21.52
CA GLN B 52 -16.39 7.37 -21.31
C GLN B 52 -15.15 7.70 -22.14
N ILE B 53 -15.35 8.08 -23.40
CA ILE B 53 -14.22 8.47 -24.25
C ILE B 53 -13.51 9.68 -23.66
N THR B 54 -14.29 10.68 -23.25
CA THR B 54 -13.73 11.93 -22.74
C THR B 54 -12.89 11.71 -21.50
N ASN B 55 -13.44 10.98 -20.52
CA ASN B 55 -12.85 10.89 -19.20
C ASN B 55 -12.09 9.59 -18.95
N GLY B 56 -12.37 8.53 -19.70
CA GLY B 56 -11.76 7.24 -19.41
C GLY B 56 -12.23 6.71 -18.06
N ASN B 57 -11.63 5.57 -17.67
CA ASN B 57 -11.95 4.92 -16.41
C ASN B 57 -11.05 3.72 -16.19
N GLY B 58 -10.54 3.54 -14.97
CA GLY B 58 -9.66 2.41 -14.69
C GLY B 58 -8.48 2.42 -15.63
N ALA B 59 -8.26 1.30 -16.31
CA ALA B 59 -7.15 1.19 -17.26
C ALA B 59 -7.45 1.82 -18.61
N MET B 60 -8.63 2.41 -18.81
CA MET B 60 -8.94 3.08 -20.07
C MET B 60 -8.60 4.57 -19.96
N PRO B 61 -7.72 5.09 -20.81
CA PRO B 61 -7.40 6.52 -20.72
C PRO B 61 -8.53 7.38 -21.26
N GLY B 62 -8.50 8.66 -20.88
CA GLY B 62 -9.39 9.63 -21.48
C GLY B 62 -8.83 10.15 -22.78
N PHE B 63 -9.72 10.66 -23.63
CA PHE B 63 -9.30 11.17 -24.93
C PHE B 63 -9.62 12.65 -25.11
N LYS B 64 -9.93 13.35 -24.01
CA LYS B 64 -10.22 14.78 -24.12
C LYS B 64 -9.01 15.50 -24.72
N GLY B 65 -9.26 16.33 -25.74
CA GLY B 65 -8.19 17.02 -26.43
C GLY B 65 -7.48 16.21 -27.49
N ARG B 66 -7.68 14.90 -27.54
CA ARG B 66 -7.11 14.06 -28.58
C ARG B 66 -8.13 13.68 -29.67
N ILE B 67 -9.41 13.71 -29.34
CA ILE B 67 -10.48 13.42 -30.27
C ILE B 67 -11.50 14.54 -30.15
N SER B 68 -11.89 15.12 -31.28
CA SER B 68 -12.85 16.22 -31.21
C SER B 68 -14.20 15.73 -30.70
N ASP B 69 -15.00 16.67 -30.18
CA ASP B 69 -16.35 16.36 -29.72
C ASP B 69 -17.18 15.76 -30.84
N SER B 70 -17.03 16.28 -32.06
CA SER B 70 -17.77 15.76 -33.19
C SER B 70 -17.33 14.33 -33.52
N ASP B 71 -16.02 14.08 -33.49
CA ASP B 71 -15.53 12.73 -33.76
C ASP B 71 -15.93 11.76 -32.66
N MET B 72 -16.03 12.24 -31.41
CA MET B 72 -16.50 11.38 -30.33
C MET B 72 -17.93 10.91 -30.56
N GLU B 73 -18.81 11.83 -31.01
CA GLU B 73 -20.17 11.44 -31.34
C GLU B 73 -20.21 10.43 -32.48
N ASP B 74 -19.34 10.60 -33.47
CA ASP B 74 -19.23 9.64 -34.56
C ASP B 74 -18.77 8.28 -34.06
N VAL B 75 -17.79 8.26 -33.17
CA VAL B 75 -17.32 7.00 -32.61
C VAL B 75 -18.42 6.32 -31.82
N ALA B 76 -19.16 7.10 -31.02
CA ALA B 76 -20.26 6.54 -30.23
C ALA B 76 -21.32 5.91 -31.12
N ALA B 77 -21.65 6.58 -32.23
CA ALA B 77 -22.64 6.03 -33.15
C ALA B 77 -22.14 4.76 -33.81
N TYR B 78 -20.84 4.72 -34.14
CA TYR B 78 -20.28 3.51 -34.73
C TYR B 78 -20.35 2.34 -33.74
N VAL B 79 -19.94 2.58 -32.49
CA VAL B 79 -19.94 1.52 -31.48
C VAL B 79 -21.36 0.98 -31.25
N LEU B 80 -22.33 1.87 -31.09
CA LEU B 80 -23.71 1.42 -30.86
C LEU B 80 -24.26 0.65 -32.07
N ASP B 81 -23.89 1.08 -33.28
CA ASP B 81 -24.34 0.38 -34.48
C ASP B 81 -23.75 -1.02 -34.57
N GLN B 82 -22.43 -1.14 -34.32
CA GLN B 82 -21.82 -2.47 -34.29
C GLN B 82 -22.40 -3.31 -33.17
N ALA B 83 -22.61 -2.72 -32.00
CA ALA B 83 -23.18 -3.47 -30.88
C ALA B 83 -24.57 -3.98 -31.21
N GLU B 84 -25.38 -3.16 -31.87
CA GLU B 84 -26.74 -3.58 -32.23
C GLU B 84 -26.73 -4.67 -33.29
N LYS B 85 -25.90 -4.51 -34.32
CA LYS B 85 -25.77 -5.52 -35.38
C LYS B 85 -25.05 -6.77 -34.90
N GLY B 86 -24.23 -6.66 -33.87
CA GLY B 86 -23.32 -7.74 -33.53
C GLY B 86 -21.97 -7.49 -34.16
N TRP B 87 -20.92 -7.48 -33.34
CA TRP B 87 -19.58 -7.14 -33.83
C TRP B 87 -19.04 -8.16 -34.81
N GLY C 1 -14.81 0.85 -4.13
CA GLY C 1 -14.89 0.11 -5.38
C GLY C 1 -14.00 -1.11 -5.42
N SER C 2 -13.76 -1.62 -6.64
CA SER C 2 -12.90 -2.79 -6.79
C SER C 2 -11.45 -2.44 -6.47
N ALA C 3 -11.01 -1.23 -6.82
CA ALA C 3 -9.66 -0.81 -6.49
C ALA C 3 -9.46 -0.71 -4.97
N ASP C 4 -10.53 -0.43 -4.24
CA ASP C 4 -10.45 -0.34 -2.78
C ASP C 4 -10.19 -1.71 -2.16
N LEU C 5 -10.99 -2.72 -2.53
CA LEU C 5 -10.74 -4.07 -2.03
C LEU C 5 -9.34 -4.56 -2.40
N ALA C 6 -8.92 -4.35 -3.65
CA ALA C 6 -7.58 -4.74 -4.05
C ALA C 6 -6.51 -4.00 -3.26
N HIS C 7 -6.74 -2.71 -2.98
CA HIS C 7 -5.84 -1.98 -2.11
C HIS C 7 -5.87 -2.51 -0.69
N GLY C 8 -7.06 -2.89 -0.20
CA GLY C 8 -7.15 -3.53 1.11
C GLY C 8 -6.36 -4.83 1.17
N LYS C 9 -6.44 -5.64 0.11
CA LYS C 9 -5.66 -6.88 0.07
C LYS C 9 -4.17 -6.61 0.19
N ALA C 10 -3.68 -5.54 -0.46
CA ALA C 10 -2.27 -5.20 -0.38
C ALA C 10 -1.87 -4.75 1.02
N ILE C 11 -2.71 -3.93 1.66
CA ILE C 11 -2.44 -3.53 3.04
C ILE C 11 -2.40 -4.75 3.95
N PHE C 12 -3.30 -5.71 3.71
CA PHE C 12 -3.32 -6.93 4.50
C PHE C 12 -2.01 -7.69 4.36
N ALA C 13 -1.52 -7.85 3.11
CA ALA C 13 -0.29 -8.60 2.89
C ALA C 13 0.89 -7.91 3.58
N GLY C 14 0.88 -6.58 3.61
CA GLY C 14 1.98 -5.86 4.21
C GLY C 14 1.91 -5.71 5.71
N ASN C 15 0.73 -5.90 6.33
CA ASN C 15 0.56 -5.59 7.74
C ASN C 15 -0.10 -6.67 8.58
N CYS C 16 -0.80 -7.64 7.99
CA CYS C 16 -1.64 -8.53 8.77
C CYS C 16 -1.37 -10.00 8.48
N ALA C 17 -0.86 -10.30 7.29
CA ALA C 17 -0.81 -11.67 6.79
C ALA C 17 0.11 -12.56 7.62
N ALA C 18 1.15 -12.01 8.22
CA ALA C 18 2.04 -12.87 9.01
C ALA C 18 1.30 -13.49 10.17
N CYS C 19 0.48 -12.70 10.87
CA CYS C 19 -0.26 -13.19 12.01
C CYS C 19 -1.60 -13.80 11.66
N HIS C 20 -2.19 -13.44 10.51
CA HIS C 20 -3.53 -13.86 10.11
C HIS C 20 -3.49 -14.52 8.73
N ASN C 21 -2.55 -15.46 8.56
CA ASN C 21 -2.33 -16.07 7.25
C ASN C 21 -3.56 -16.85 6.82
N GLY C 22 -4.08 -16.53 5.63
CA GLY C 22 -5.28 -17.21 5.16
C GLY C 22 -6.46 -17.05 6.08
N GLY C 23 -6.53 -15.94 6.82
CA GLY C 23 -7.65 -15.68 7.70
C GLY C 23 -7.56 -16.31 9.08
N LEU C 24 -6.45 -16.96 9.42
CA LEU C 24 -6.33 -17.66 10.68
C LEU C 24 -5.83 -16.70 11.77
N ASN C 25 -5.44 -17.24 12.92
CA ASN C 25 -4.86 -16.43 13.98
C ASN C 25 -3.90 -17.35 14.75
N ALA C 26 -2.64 -17.32 14.32
CA ALA C 26 -1.61 -18.17 14.87
C ALA C 26 -1.58 -18.13 16.40
N ILE C 27 -1.57 -16.94 16.97
CA ILE C 27 -1.36 -16.76 18.41
C ILE C 27 -2.60 -17.13 19.21
N ASN C 28 -3.78 -16.78 18.72
CA ASN C 28 -5.05 -17.03 19.40
C ASN C 28 -6.00 -17.72 18.43
N PRO C 29 -5.91 -19.04 18.30
CA PRO C 29 -6.71 -19.75 17.29
C PRO C 29 -8.21 -19.65 17.51
N SER C 30 -8.68 -19.20 18.68
CA SER C 30 -10.11 -18.98 18.85
C SER C 30 -10.60 -17.68 18.22
N LYS C 31 -9.70 -16.79 17.81
CA LYS C 31 -10.14 -15.53 17.22
C LYS C 31 -9.64 -15.34 15.80
N THR C 32 -10.06 -16.21 14.88
CA THR C 32 -9.65 -16.08 13.49
C THR C 32 -10.44 -14.97 12.80
N LEU C 33 -10.12 -14.75 11.53
CA LEU C 33 -10.88 -13.84 10.70
C LEU C 33 -12.00 -14.54 9.93
N LYS C 34 -12.36 -15.75 10.32
CA LYS C 34 -13.51 -16.41 9.73
C LYS C 34 -14.79 -15.72 10.20
N MET C 35 -15.81 -15.69 9.34
CA MET C 35 -17.00 -14.90 9.68
C MET C 35 -17.64 -15.35 10.99
N ALA C 36 -17.71 -16.66 11.24
CA ALA C 36 -18.33 -17.14 12.47
C ALA C 36 -17.58 -16.67 13.70
N ASP C 37 -16.24 -16.65 13.63
CA ASP C 37 -15.45 -16.12 14.74
C ASP C 37 -15.64 -14.60 14.86
N LEU C 38 -15.63 -13.88 13.74
CA LEU C 38 -15.91 -12.44 13.80
C LEU C 38 -17.26 -12.19 14.43
N GLU C 39 -18.28 -12.94 14.01
CA GLU C 39 -19.63 -12.80 14.56
C GLU C 39 -19.64 -13.06 16.05
N ALA C 40 -18.99 -14.15 16.48
CA ALA C 40 -18.99 -14.53 17.88
C ALA C 40 -18.34 -13.47 18.77
N ASN C 41 -17.49 -12.63 18.20
CA ASN C 41 -16.72 -11.68 18.99
C ASN C 41 -17.16 -10.25 18.75
N GLY C 42 -18.25 -10.06 18.02
CA GLY C 42 -18.79 -8.75 17.73
C GLY C 42 -17.95 -7.94 16.79
N LYS C 43 -17.14 -8.58 15.96
CA LYS C 43 -16.20 -7.90 15.07
C LYS C 43 -16.61 -7.99 13.60
N ASN C 44 -17.83 -8.44 13.31
CA ASN C 44 -18.28 -8.62 11.93
C ASN C 44 -18.90 -7.32 11.37
N SER C 45 -18.09 -6.26 11.40
CA SER C 45 -18.48 -5.00 10.76
C SER C 45 -17.22 -4.25 10.38
N VAL C 46 -17.33 -3.37 9.39
CA VAL C 46 -16.17 -2.56 9.02
C VAL C 46 -15.71 -1.71 10.20
N ALA C 47 -16.67 -1.11 10.92
CA ALA C 47 -16.34 -0.24 12.03
C ALA C 47 -15.61 -1.00 13.14
N ALA C 48 -16.07 -2.21 13.47
CA ALA C 48 -15.43 -2.94 14.56
C ALA C 48 -14.02 -3.35 14.19
N ILE C 49 -13.80 -3.73 12.93
CA ILE C 49 -12.46 -4.11 12.50
C ILE C 49 -11.54 -2.88 12.49
N VAL C 50 -12.06 -1.73 12.07
CA VAL C 50 -11.24 -0.52 12.09
C VAL C 50 -10.80 -0.19 13.51
N ALA C 51 -11.69 -0.39 14.49
CA ALA C 51 -11.35 -0.13 15.88
C ALA C 51 -10.34 -1.14 16.39
N GLN C 52 -10.44 -2.40 15.94
CA GLN C 52 -9.46 -3.40 16.34
C GLN C 52 -8.08 -3.07 15.78
N ILE C 53 -8.00 -2.65 14.51
CA ILE C 53 -6.72 -2.25 13.93
C ILE C 53 -6.17 -1.03 14.66
N THR C 54 -7.04 -0.08 14.97
CA THR C 54 -6.59 1.19 15.55
C THR C 54 -5.93 0.98 16.90
N ASN C 55 -6.60 0.25 17.79
CA ASN C 55 -6.21 0.13 19.18
C ASN C 55 -5.45 -1.15 19.50
N GLY C 56 -5.63 -2.22 18.71
CA GLY C 56 -5.03 -3.48 19.05
C GLY C 56 -5.75 -4.08 20.25
N ASN C 57 -5.18 -5.17 20.75
CA ASN C 57 -5.76 -5.98 21.80
C ASN C 57 -4.85 -7.17 22.08
N GLY C 58 -4.52 -7.40 23.34
CA GLY C 58 -3.67 -8.54 23.68
C GLY C 58 -2.36 -8.49 22.90
N ALA C 59 -2.02 -9.60 22.24
CA ALA C 59 -0.79 -9.64 21.46
C ALA C 59 -0.91 -8.98 20.09
N MET C 60 -2.10 -8.51 19.70
CA MET C 60 -2.15 -7.74 18.46
C MET C 60 -1.78 -6.29 18.74
N PRO C 61 -0.83 -5.71 18.02
CA PRO C 61 -0.49 -4.29 18.23
C PRO C 61 -1.52 -3.38 17.59
N GLY C 62 -1.55 -2.13 18.07
CA GLY C 62 -2.34 -1.11 17.43
C GLY C 62 -1.59 -0.51 16.24
N PHE C 63 -2.36 0.02 15.28
CA PHE C 63 -1.79 0.61 14.08
C PHE C 63 -2.10 2.09 13.94
N LYS C 64 -2.66 2.71 14.98
CA LYS C 64 -2.88 4.16 14.99
C LYS C 64 -1.59 4.89 14.62
N GLY C 65 -1.67 5.79 13.65
CA GLY C 65 -0.52 6.51 13.16
C GLY C 65 0.34 5.77 12.16
N ARG C 66 0.29 4.43 12.14
CA ARG C 66 1.06 3.65 11.18
C ARG C 66 0.29 3.37 9.90
N ILE C 67 -1.04 3.31 9.98
CA ILE C 67 -1.91 3.09 8.83
C ILE C 67 -2.91 4.24 8.80
N SER C 68 -3.09 4.85 7.62
CA SER C 68 -4.04 5.94 7.54
C SER C 68 -5.47 5.45 7.78
N ASP C 69 -6.36 6.38 8.13
CA ASP C 69 -7.76 6.04 8.27
C ASP C 69 -8.32 5.45 6.99
N SER C 70 -7.95 6.02 5.85
CA SER C 70 -8.45 5.52 4.57
C SER C 70 -7.96 4.11 4.31
N ASP C 71 -6.73 3.79 4.72
CA ASP C 71 -6.19 2.45 4.51
C ASP C 71 -6.81 1.44 5.48
N MET C 72 -7.03 1.85 6.73
CA MET C 72 -7.75 1.00 7.66
C MET C 72 -9.12 0.61 7.13
N GLU C 73 -9.84 1.57 6.55
CA GLU C 73 -11.15 1.29 5.97
C GLU C 73 -11.05 0.24 4.86
N ASP C 74 -10.03 0.35 4.00
CA ASP C 74 -9.87 -0.57 2.88
C ASP C 74 -9.56 -1.98 3.34
N VAL C 75 -8.61 -2.14 4.27
CA VAL C 75 -8.26 -3.50 4.70
C VAL C 75 -9.39 -4.09 5.53
N ALA C 76 -10.12 -3.26 6.28
CA ALA C 76 -11.28 -3.76 7.03
C ALA C 76 -12.34 -4.33 6.09
N ALA C 77 -12.64 -3.61 5.01
CA ALA C 77 -13.59 -4.12 4.03
C ALA C 77 -13.05 -5.37 3.33
N TYR C 78 -11.77 -5.38 2.99
CA TYR C 78 -11.16 -6.58 2.42
C TYR C 78 -11.36 -7.80 3.35
N VAL C 79 -11.08 -7.62 4.64
CA VAL C 79 -11.17 -8.72 5.61
C VAL C 79 -12.60 -9.25 5.69
N LEU C 80 -13.57 -8.34 5.80
CA LEU C 80 -14.95 -8.78 5.99
C LEU C 80 -15.48 -9.44 4.72
N ASP C 81 -15.06 -8.95 3.56
CA ASP C 81 -15.47 -9.56 2.30
C ASP C 81 -14.85 -10.95 2.13
N GLN C 82 -13.57 -11.10 2.47
CA GLN C 82 -12.94 -12.43 2.44
C GLN C 82 -13.64 -13.38 3.38
N ALA C 83 -13.96 -12.91 4.59
CA ALA C 83 -14.66 -13.76 5.54
C ALA C 83 -16.03 -14.19 5.01
N GLU C 84 -16.72 -13.31 4.26
CA GLU C 84 -18.00 -13.70 3.69
C GLU C 84 -17.83 -14.74 2.59
N LYS C 85 -16.80 -14.59 1.76
CA LYS C 85 -16.55 -15.52 0.66
C LYS C 85 -15.93 -16.82 1.13
N GLY C 86 -15.27 -16.81 2.29
CA GLY C 86 -14.40 -17.90 2.67
C GLY C 86 -12.98 -17.56 2.29
N TRP C 87 -12.05 -17.71 3.23
CA TRP C 87 -10.66 -17.35 2.98
C TRP C 87 -9.97 -18.29 2.01
N GLY D 1 23.11 -20.54 35.89
CA GLY D 1 22.82 -21.46 36.96
C GLY D 1 21.34 -21.69 37.20
N SER D 2 21.03 -22.61 38.14
CA SER D 2 19.66 -23.04 38.36
C SER D 2 18.72 -21.86 38.58
N ALA D 3 19.16 -20.86 39.36
CA ALA D 3 18.30 -19.74 39.74
C ALA D 3 18.17 -18.70 38.63
N ASP D 4 19.25 -18.42 37.91
CA ASP D 4 19.15 -17.59 36.70
C ASP D 4 18.15 -18.19 35.73
N LEU D 5 18.23 -19.52 35.52
CA LEU D 5 17.38 -20.16 34.54
C LEU D 5 15.92 -20.15 34.97
N ALA D 6 15.67 -20.33 36.27
CA ALA D 6 14.30 -20.32 36.76
C ALA D 6 13.68 -18.94 36.58
N HIS D 7 14.47 -17.88 36.78
CA HIS D 7 13.96 -16.53 36.56
C HIS D 7 13.77 -16.25 35.07
N GLY D 8 14.69 -16.71 34.22
CA GLY D 8 14.48 -16.60 32.79
C GLY D 8 13.22 -17.32 32.32
N LYS D 9 12.94 -18.49 32.91
CA LYS D 9 11.73 -19.24 32.57
C LYS D 9 10.48 -18.43 32.90
N ALA D 10 10.49 -17.71 34.02
CA ALA D 10 9.35 -16.91 34.42
C ALA D 10 9.18 -15.69 33.52
N ILE D 11 10.30 -15.04 33.15
CA ILE D 11 10.23 -13.95 32.18
C ILE D 11 9.70 -14.45 30.84
N PHE D 12 10.15 -15.64 30.43
CA PHE D 12 9.65 -16.21 29.19
C PHE D 12 8.15 -16.42 29.25
N ALA D 13 7.65 -16.93 30.38
CA ALA D 13 6.22 -17.16 30.52
C ALA D 13 5.44 -15.86 30.43
N GLY D 14 5.99 -14.77 30.98
CA GLY D 14 5.27 -13.51 31.00
C GLY D 14 5.35 -12.70 29.72
N ASN D 15 6.35 -12.96 28.87
CA ASN D 15 6.65 -12.08 27.75
C ASN D 15 6.80 -12.75 26.40
N CYS D 16 7.08 -14.06 26.35
CA CYS D 16 7.40 -14.73 25.10
C CYS D 16 6.51 -15.91 24.77
N ALA D 17 5.85 -16.53 25.76
CA ALA D 17 5.17 -17.79 25.54
C ALA D 17 3.90 -17.65 24.71
N ALA D 18 3.33 -16.44 24.60
CA ALA D 18 2.17 -16.29 23.74
C ALA D 18 2.53 -16.58 22.29
N CYS D 19 3.77 -16.28 21.88
CA CYS D 19 4.18 -16.50 20.50
C CYS D 19 5.17 -17.63 20.32
N HIS D 20 5.87 -18.05 21.37
CA HIS D 20 6.92 -19.08 21.27
C HIS D 20 6.64 -20.24 22.22
N ASN D 21 5.37 -20.56 22.45
CA ASN D 21 5.02 -21.66 23.34
C ASN D 21 5.69 -22.94 22.87
N GLY D 22 6.39 -23.61 23.78
CA GLY D 22 7.09 -24.83 23.41
C GLY D 22 8.28 -24.64 22.50
N GLY D 23 8.82 -23.42 22.42
CA GLY D 23 9.92 -23.14 21.52
C GLY D 23 9.53 -22.98 20.07
N LEU D 24 8.23 -22.97 19.75
CA LEU D 24 7.79 -22.86 18.36
C LEU D 24 7.71 -21.38 17.94
N ASN D 25 7.17 -21.13 16.73
CA ASN D 25 6.94 -19.78 16.24
C ASN D 25 5.75 -19.87 15.27
N ALA D 26 4.54 -19.87 15.83
CA ALA D 26 3.34 -20.05 15.01
C ALA D 26 3.19 -18.95 13.95
N ILE D 27 3.62 -17.73 14.26
CA ILE D 27 3.55 -16.63 13.30
C ILE D 27 4.49 -16.90 12.11
N ASN D 28 5.72 -17.32 12.38
CA ASN D 28 6.71 -17.60 11.35
C ASN D 28 7.35 -18.96 11.62
N PRO D 29 6.79 -20.02 11.05
CA PRO D 29 7.26 -21.39 11.38
C PRO D 29 8.69 -21.69 10.96
N SER D 30 9.30 -20.85 10.14
CA SER D 30 10.70 -21.00 9.79
C SER D 30 11.66 -20.44 10.84
N LYS D 31 11.15 -19.70 11.84
CA LYS D 31 12.03 -19.10 12.84
C LYS D 31 11.65 -19.52 14.26
N THR D 32 11.74 -20.82 14.55
CA THR D 32 11.49 -21.34 15.90
C THR D 32 12.69 -21.08 16.81
N LEU D 33 12.52 -21.45 18.08
CA LEU D 33 13.60 -21.38 19.05
C LEU D 33 14.34 -22.70 19.19
N LYS D 34 14.13 -23.64 18.28
CA LYS D 34 14.94 -24.85 18.24
C LYS D 34 16.38 -24.47 17.91
N MET D 35 17.34 -25.19 18.50
CA MET D 35 18.73 -24.83 18.24
C MET D 35 19.04 -24.79 16.74
N ALA D 36 18.42 -25.68 15.97
CA ALA D 36 18.73 -25.74 14.54
C ALA D 36 18.31 -24.46 13.84
N ASP D 37 17.16 -23.89 14.22
CA ASP D 37 16.69 -22.65 13.61
C ASP D 37 17.49 -21.46 14.10
N LEU D 38 17.85 -21.43 15.38
CA LEU D 38 18.72 -20.36 15.87
C LEU D 38 20.07 -20.38 15.14
N GLU D 39 20.63 -21.58 14.94
CA GLU D 39 21.83 -21.71 14.13
C GLU D 39 21.61 -21.20 12.72
N ALA D 40 20.48 -21.55 12.11
CA ALA D 40 20.21 -21.16 10.73
C ALA D 40 20.14 -19.65 10.56
N ASN D 41 19.90 -18.91 11.63
CA ASN D 41 19.74 -17.47 11.54
C ASN D 41 20.82 -16.71 12.28
N GLY D 42 21.90 -17.38 12.68
CA GLY D 42 22.92 -16.70 13.49
C GLY D 42 22.41 -16.14 14.79
N LYS D 43 21.40 -16.76 15.38
CA LYS D 43 20.83 -16.32 16.66
C LYS D 43 21.23 -17.23 17.81
N ASN D 44 22.15 -18.17 17.58
CA ASN D 44 22.59 -19.10 18.62
C ASN D 44 23.69 -18.44 19.45
N SER D 45 23.29 -17.44 20.23
CA SER D 45 24.19 -16.80 21.18
C SER D 45 23.38 -15.88 22.07
N VAL D 46 23.90 -15.64 23.27
CA VAL D 46 23.26 -14.72 24.21
C VAL D 46 23.14 -13.33 23.61
N ALA D 47 24.23 -12.79 23.06
CA ALA D 47 24.20 -11.43 22.52
C ALA D 47 23.16 -11.30 21.42
N ALA D 48 23.05 -12.30 20.53
CA ALA D 48 22.11 -12.20 19.42
C ALA D 48 20.67 -12.25 19.91
N ILE D 49 20.39 -13.11 20.90
CA ILE D 49 19.05 -13.19 21.45
C ILE D 49 18.70 -11.89 22.18
N VAL D 50 19.62 -11.39 23.01
CA VAL D 50 19.41 -10.12 23.70
C VAL D 50 19.11 -9.01 22.70
N ALA D 51 19.83 -8.97 21.57
CA ALA D 51 19.56 -7.94 20.57
C ALA D 51 18.18 -8.15 19.94
N GLN D 52 17.80 -9.40 19.69
CA GLN D 52 16.47 -9.68 19.13
C GLN D 52 15.37 -9.22 20.09
N ILE D 53 15.55 -9.51 21.38
CA ILE D 53 14.59 -9.08 22.39
C ILE D 53 14.52 -7.55 22.44
N THR D 54 15.67 -6.88 22.44
CA THR D 54 15.70 -5.44 22.60
C THR D 54 15.00 -4.73 21.45
N ASN D 55 15.32 -5.12 20.22
CA ASN D 55 14.90 -4.39 19.05
C ASN D 55 13.68 -4.97 18.34
N GLY D 56 13.40 -6.26 18.51
CA GLY D 56 12.35 -6.91 17.75
C GLY D 56 12.75 -7.05 16.29
N ASN D 57 11.82 -7.58 15.50
CA ASN D 57 12.03 -7.81 14.08
C ASN D 57 10.74 -8.33 13.46
N GLY D 58 10.34 -7.80 12.30
CA GLY D 58 9.11 -8.25 11.70
C GLY D 58 7.96 -8.08 12.67
N ALA D 59 7.17 -9.14 12.85
CA ALA D 59 6.02 -9.11 13.77
C ALA D 59 6.40 -9.30 15.23
N MET D 60 7.69 -9.49 15.55
CA MET D 60 8.10 -9.58 16.94
C MET D 60 8.37 -8.18 17.48
N PRO D 61 7.67 -7.72 18.51
CA PRO D 61 7.94 -6.39 19.05
C PRO D 61 9.26 -6.36 19.82
N GLY D 62 9.85 -5.17 19.91
CA GLY D 62 10.99 -4.97 20.79
C GLY D 62 10.54 -4.78 22.23
N PHE D 63 11.42 -5.14 23.17
CA PHE D 63 11.16 -5.02 24.59
C PHE D 63 12.09 -4.02 25.29
N LYS D 64 12.85 -3.23 24.53
CA LYS D 64 13.66 -2.18 25.15
C LYS D 64 12.80 -1.34 26.07
N GLY D 65 13.24 -1.20 27.32
CA GLY D 65 12.52 -0.41 28.29
C GLY D 65 11.39 -1.12 29.00
N ARG D 66 10.98 -2.30 28.53
CA ARG D 66 9.96 -3.10 29.20
C ARG D 66 10.55 -4.25 29.99
N ILE D 67 11.71 -4.74 29.57
CA ILE D 67 12.46 -5.79 30.25
C ILE D 67 13.83 -5.21 30.58
N SER D 68 14.32 -5.49 31.79
CA SER D 68 15.65 -5.02 32.15
C SER D 68 16.73 -5.83 31.42
N ASP D 69 17.93 -5.24 31.30
CA ASP D 69 19.04 -5.94 30.68
C ASP D 69 19.32 -7.26 31.37
N SER D 70 19.29 -7.25 32.71
CA SER D 70 19.53 -8.47 33.47
C SER D 70 18.46 -9.52 33.18
N ASP D 71 17.21 -9.09 32.99
CA ASP D 71 16.14 -10.03 32.67
C ASP D 71 16.29 -10.58 31.26
N MET D 72 16.71 -9.73 30.31
CA MET D 72 16.98 -10.21 28.96
C MET D 72 18.08 -11.26 28.97
N GLU D 73 19.12 -11.06 29.79
CA GLU D 73 20.19 -12.06 29.89
C GLU D 73 19.66 -13.39 30.40
N ASP D 74 18.80 -13.34 31.41
CA ASP D 74 18.24 -14.56 31.99
C ASP D 74 17.36 -15.31 30.99
N VAL D 75 16.48 -14.59 30.30
CA VAL D 75 15.62 -15.30 29.36
C VAL D 75 16.42 -15.81 28.17
N ALA D 76 17.47 -15.10 27.75
CA ALA D 76 18.32 -15.61 26.68
C ALA D 76 19.03 -16.89 27.12
N ALA D 77 19.55 -16.91 28.35
CA ALA D 77 20.12 -18.15 28.89
C ALA D 77 19.07 -19.25 28.95
N TYR D 78 17.84 -18.92 29.36
CA TYR D 78 16.79 -19.94 29.38
C TYR D 78 16.48 -20.47 27.98
N VAL D 79 16.37 -19.59 26.99
CA VAL D 79 16.07 -20.03 25.62
C VAL D 79 17.15 -21.00 25.12
N LEU D 80 18.42 -20.67 25.34
CA LEU D 80 19.49 -21.54 24.85
C LEU D 80 19.58 -22.84 25.64
N ASP D 81 19.27 -22.80 26.94
CA ASP D 81 19.24 -24.01 27.74
C ASP D 81 18.19 -24.99 27.21
N GLN D 82 17.00 -24.47 26.90
CA GLN D 82 15.93 -25.32 26.39
C GLN D 82 16.23 -25.80 24.97
N ALA D 83 16.74 -24.91 24.12
CA ALA D 83 17.13 -25.31 22.78
C ALA D 83 18.16 -26.43 22.82
N GLU D 84 19.10 -26.34 23.77
CA GLU D 84 20.14 -27.35 23.91
C GLU D 84 19.56 -28.70 24.36
N LYS D 85 18.72 -28.67 25.39
CA LYS D 85 18.09 -29.89 25.90
C LYS D 85 17.05 -30.45 24.95
N GLY D 86 16.47 -29.61 24.09
CA GLY D 86 15.25 -30.00 23.42
C GLY D 86 14.05 -29.45 24.15
N TRP D 87 13.23 -28.67 23.47
CA TRP D 87 12.09 -28.01 24.10
C TRP D 87 11.07 -29.03 24.53
N SER E 2 39.08 -27.68 43.50
CA SER E 2 40.19 -28.61 43.69
C SER E 2 41.52 -27.99 43.30
N ALA E 3 42.58 -28.80 43.31
CA ALA E 3 43.90 -28.31 42.94
C ALA E 3 44.02 -28.06 41.45
N ASP E 4 43.37 -28.90 40.64
CA ASP E 4 43.36 -28.69 39.19
C ASP E 4 42.62 -27.41 38.83
N LEU E 5 41.45 -27.18 39.44
CA LEU E 5 40.67 -25.98 39.14
C LEU E 5 41.46 -24.73 39.49
N ALA E 6 42.12 -24.73 40.64
CA ALA E 6 42.92 -23.57 41.05
C ALA E 6 44.09 -23.35 40.10
N HIS E 7 44.72 -24.43 39.66
CA HIS E 7 45.80 -24.29 38.69
C HIS E 7 45.26 -23.79 37.35
N GLY E 8 44.11 -24.31 36.92
CA GLY E 8 43.49 -23.81 35.70
C GLY E 8 43.13 -22.35 35.79
N LYS E 9 42.73 -21.89 36.98
CA LYS E 9 42.43 -20.48 37.18
C LYS E 9 43.66 -19.61 36.95
N ALA E 10 44.82 -20.07 37.41
CA ALA E 10 46.05 -19.31 37.21
C ALA E 10 46.50 -19.34 35.75
N ILE E 11 46.35 -20.50 35.09
CA ILE E 11 46.68 -20.56 33.67
C ILE E 11 45.78 -19.62 32.88
N PHE E 12 44.51 -19.55 33.26
CA PHE E 12 43.57 -18.65 32.59
C PHE E 12 44.01 -17.20 32.75
N ALA E 13 44.37 -16.80 33.97
CA ALA E 13 44.82 -15.42 34.19
C ALA E 13 46.07 -15.10 33.38
N GLY E 14 46.95 -16.08 33.18
CA GLY E 14 48.18 -15.84 32.46
C GLY E 14 48.06 -15.88 30.94
N ASN E 15 47.02 -16.53 30.39
CA ASN E 15 46.95 -16.81 28.96
C ASN E 15 45.64 -16.47 28.27
N CYS E 16 44.56 -16.20 29.02
CA CYS E 16 43.23 -16.15 28.44
C CYS E 16 42.51 -14.87 28.82
N ALA E 17 42.83 -14.31 29.99
CA ALA E 17 42.05 -13.20 30.53
C ALA E 17 42.22 -11.92 29.72
N ALA E 18 43.31 -11.79 28.97
CA ALA E 18 43.45 -10.61 28.10
C ALA E 18 42.27 -10.51 27.13
N CYS E 19 41.84 -11.63 26.57
CA CYS E 19 40.77 -11.63 25.59
C CYS E 19 39.42 -12.07 26.15
N HIS E 20 39.40 -12.78 27.28
CA HIS E 20 38.18 -13.37 27.83
C HIS E 20 37.95 -12.94 29.27
N ASN E 21 38.31 -11.71 29.62
CA ASN E 21 38.17 -11.26 31.00
C ASN E 21 36.71 -11.36 31.42
N GLY E 22 36.48 -12.00 32.57
CA GLY E 22 35.12 -12.21 33.06
C GLY E 22 34.28 -13.13 32.21
N GLY E 23 34.91 -13.97 31.38
CA GLY E 23 34.16 -14.86 30.52
C GLY E 23 33.61 -14.24 29.25
N LEU E 24 33.94 -12.99 28.96
CA LEU E 24 33.44 -12.31 27.77
C LEU E 24 34.30 -12.66 26.55
N ASN E 25 34.00 -12.01 25.43
CA ASN E 25 34.76 -12.13 24.20
C ASN E 25 34.56 -10.85 23.41
N ALA E 26 35.35 -9.82 23.70
CA ALA E 26 35.09 -8.53 23.06
C ALA E 26 35.29 -8.60 21.55
N ILE E 27 36.21 -9.44 21.07
CA ILE E 27 36.44 -9.59 19.63
C ILE E 27 35.23 -10.21 18.93
N ASN E 28 34.71 -11.32 19.48
CA ASN E 28 33.57 -12.03 18.90
C ASN E 28 32.50 -12.18 19.98
N PRO E 29 31.61 -11.19 20.13
CA PRO E 29 30.67 -11.19 21.27
C PRO E 29 29.66 -12.32 21.25
N SER E 30 29.50 -13.02 20.14
CA SER E 30 28.64 -14.19 20.10
C SER E 30 29.31 -15.44 20.63
N LYS E 31 30.60 -15.38 20.99
CA LYS E 31 31.32 -16.57 21.42
C LYS E 31 31.98 -16.33 22.79
N THR E 32 31.16 -15.96 23.78
CA THR E 32 31.68 -15.78 25.12
C THR E 32 31.94 -17.14 25.76
N LEU E 33 32.46 -17.13 26.98
CA LEU E 33 32.63 -18.34 27.76
C LEU E 33 31.44 -18.58 28.70
N LYS E 34 30.33 -17.87 28.53
CA LYS E 34 29.12 -18.18 29.27
C LYS E 34 28.63 -19.56 28.87
N MET E 35 28.08 -20.30 29.85
CA MET E 35 27.61 -21.65 29.56
C MET E 35 26.63 -21.66 28.40
N ALA E 36 25.76 -20.65 28.32
CA ALA E 36 24.76 -20.60 27.25
C ALA E 36 25.43 -20.48 25.88
N ASP E 37 26.50 -19.69 25.77
CA ASP E 37 27.22 -19.59 24.50
C ASP E 37 28.03 -20.84 24.21
N LEU E 38 28.59 -21.48 25.24
CA LEU E 38 29.30 -22.73 25.00
C LEU E 38 28.34 -23.80 24.49
N GLU E 39 27.14 -23.87 25.07
CA GLU E 39 26.09 -24.73 24.53
C GLU E 39 25.72 -24.35 23.10
N ALA E 40 25.48 -23.05 22.87
CA ALA E 40 25.00 -22.61 21.57
C ALA E 40 26.03 -22.84 20.46
N ASN E 41 27.31 -22.99 20.82
CA ASN E 41 28.38 -23.17 19.84
C ASN E 41 28.99 -24.56 19.91
N GLY E 42 28.39 -25.47 20.68
CA GLY E 42 28.90 -26.83 20.80
C GLY E 42 30.25 -26.97 21.44
N LYS E 43 30.58 -26.09 22.40
CA LYS E 43 31.88 -26.12 23.07
C LYS E 43 31.74 -26.39 24.56
N ASN E 44 30.59 -26.87 25.01
CA ASN E 44 30.35 -27.12 26.44
C ASN E 44 30.84 -28.51 26.84
N SER E 45 32.13 -28.73 26.64
CA SER E 45 32.75 -29.98 27.05
C SER E 45 34.24 -29.71 27.21
N VAL E 46 34.88 -30.56 28.01
CA VAL E 46 36.33 -30.43 28.21
C VAL E 46 37.08 -30.65 26.90
N ALA E 47 36.70 -31.66 26.14
CA ALA E 47 37.42 -31.95 24.90
C ALA E 47 37.27 -30.80 23.89
N ALA E 48 36.09 -30.20 23.81
CA ALA E 48 35.90 -29.13 22.84
C ALA E 48 36.74 -27.92 23.21
N ILE E 49 36.86 -27.65 24.51
CA ILE E 49 37.65 -26.50 24.94
C ILE E 49 39.14 -26.77 24.77
N VAL E 50 39.57 -28.00 25.08
CA VAL E 50 40.96 -28.38 24.83
C VAL E 50 41.30 -28.25 23.34
N ALA E 51 40.37 -28.66 22.48
CA ALA E 51 40.64 -28.54 21.04
C ALA E 51 40.72 -27.09 20.61
N GLN E 52 39.87 -26.22 21.19
CA GLN E 52 39.91 -24.80 20.87
C GLN E 52 41.23 -24.18 21.29
N ILE E 53 41.70 -24.51 22.49
CA ILE E 53 42.97 -23.99 22.97
C ILE E 53 44.12 -24.47 22.09
N THR E 54 44.10 -25.76 21.72
CA THR E 54 45.20 -26.34 20.97
C THR E 54 45.36 -25.69 19.61
N ASN E 55 44.25 -25.55 18.88
CA ASN E 55 44.29 -25.13 17.48
C ASN E 55 43.92 -23.67 17.27
N GLY E 56 43.20 -23.06 18.19
CA GLY E 56 42.75 -21.71 17.95
C GLY E 56 41.65 -21.71 16.90
N ASN E 57 41.28 -20.50 16.49
CA ASN E 57 40.25 -20.27 15.49
C ASN E 57 40.08 -18.78 15.29
N GLY E 58 39.99 -18.34 14.03
CA GLY E 58 39.83 -16.92 13.78
C GLY E 58 40.93 -16.12 14.47
N ALA E 59 40.53 -15.07 15.18
CA ALA E 59 41.47 -14.21 15.90
C ALA E 59 42.04 -14.86 17.15
N MET E 60 41.59 -16.05 17.54
CA MET E 60 42.14 -16.71 18.71
C MET E 60 43.34 -17.54 18.29
N PRO E 61 44.53 -17.31 18.85
CA PRO E 61 45.68 -18.14 18.52
C PRO E 61 45.56 -19.53 19.13
N GLY E 62 46.20 -20.49 18.47
CA GLY E 62 46.41 -21.79 19.08
C GLY E 62 47.51 -21.74 20.13
N PHE E 63 47.46 -22.70 21.06
CA PHE E 63 48.42 -22.75 22.15
C PHE E 63 49.23 -24.05 22.15
N LYS E 64 49.12 -24.87 21.11
CA LYS E 64 49.90 -26.11 21.06
C LYS E 64 51.38 -25.82 21.25
N GLY E 65 52.03 -26.59 22.10
CA GLY E 65 53.43 -26.40 22.38
C GLY E 65 53.77 -25.24 23.30
N ARG E 66 52.80 -24.40 23.67
CA ARG E 66 53.03 -23.34 24.63
C ARG E 66 52.39 -23.61 25.98
N ILE E 67 51.29 -24.35 25.98
CA ILE E 67 50.65 -24.85 27.19
C ILE E 67 50.68 -26.37 27.12
N SER E 68 51.12 -27.00 28.20
CA SER E 68 51.18 -28.45 28.23
C SER E 68 49.78 -29.04 28.13
N ASP E 69 49.72 -30.30 27.67
CA ASP E 69 48.44 -30.98 27.56
C ASP E 69 47.72 -31.02 28.89
N SER E 70 48.44 -31.30 29.98
CA SER E 70 47.77 -31.36 31.28
C SER E 70 47.35 -29.97 31.76
N ASP E 71 48.11 -28.93 31.41
CA ASP E 71 47.67 -27.58 31.75
C ASP E 71 46.44 -27.17 30.95
N MET E 72 46.28 -27.70 29.73
CA MET E 72 45.08 -27.43 28.95
C MET E 72 43.86 -28.08 29.58
N GLU E 73 44.03 -29.29 30.11
CA GLU E 73 42.95 -29.96 30.82
C GLU E 73 42.51 -29.16 32.04
N ASP E 74 43.47 -28.59 32.75
CA ASP E 74 43.15 -27.78 33.94
C ASP E 74 42.36 -26.53 33.57
N VAL E 75 42.80 -25.79 32.56
CA VAL E 75 42.09 -24.56 32.25
C VAL E 75 40.73 -24.85 31.64
N ALA E 76 40.60 -25.96 30.89
CA ALA E 76 39.30 -26.32 30.34
C ALA E 76 38.31 -26.64 31.45
N ALA E 77 38.76 -27.40 32.46
CA ALA E 77 37.90 -27.65 33.62
C ALA E 77 37.56 -26.36 34.35
N TYR E 78 38.54 -25.46 34.49
CA TYR E 78 38.26 -24.16 35.12
C TYR E 78 37.20 -23.40 34.34
N VAL E 79 37.33 -23.34 33.01
CA VAL E 79 36.37 -22.57 32.21
C VAL E 79 34.96 -23.13 32.38
N LEU E 80 34.82 -24.46 32.31
CA LEU E 80 33.50 -25.07 32.50
C LEU E 80 33.00 -24.89 33.93
N ASP E 81 33.89 -25.02 34.92
CA ASP E 81 33.54 -24.75 36.30
C ASP E 81 32.98 -23.34 36.47
N GLN E 82 33.68 -22.34 35.93
CA GLN E 82 33.20 -20.95 36.05
C GLN E 82 31.92 -20.75 35.26
N ALA E 83 31.83 -21.31 34.06
CA ALA E 83 30.61 -21.17 33.27
C ALA E 83 29.41 -21.74 34.01
N GLU E 84 29.63 -22.81 34.78
CA GLU E 84 28.53 -23.40 35.54
C GLU E 84 28.14 -22.54 36.72
N LYS E 85 29.12 -22.04 37.48
CA LYS E 85 28.81 -21.16 38.60
C LYS E 85 28.34 -19.79 38.14
N GLY E 86 28.62 -19.41 36.90
CA GLY E 86 28.42 -18.05 36.46
C GLY E 86 29.70 -17.28 36.65
N TRP E 87 30.07 -16.43 35.69
CA TRP E 87 31.33 -15.70 35.75
C TRP E 87 31.22 -14.48 36.63
N GLY F 1 48.34 8.90 -1.33
CA GLY F 1 47.05 9.50 -1.64
C GLY F 1 45.88 8.51 -1.64
N SER F 2 44.83 8.85 -2.40
CA SER F 2 43.59 8.08 -2.33
C SER F 2 43.81 6.62 -2.70
N ALA F 3 44.66 6.35 -3.68
CA ALA F 3 44.88 4.96 -4.10
C ALA F 3 45.59 4.16 -3.03
N ASP F 4 46.65 4.74 -2.43
CA ASP F 4 47.36 4.06 -1.34
C ASP F 4 46.46 3.85 -0.13
N LEU F 5 45.68 4.87 0.21
CA LEU F 5 44.79 4.79 1.37
C LEU F 5 43.71 3.73 1.16
N ALA F 6 43.17 3.63 -0.06
CA ALA F 6 42.17 2.59 -0.35
C ALA F 6 42.78 1.19 -0.26
N HIS F 7 44.02 1.03 -0.73
CA HIS F 7 44.68 -0.26 -0.58
C HIS F 7 44.98 -0.56 0.89
N GLY F 8 45.40 0.45 1.66
CA GLY F 8 45.57 0.24 3.09
C GLY F 8 44.28 -0.12 3.79
N LYS F 9 43.17 0.49 3.35
CA LYS F 9 41.86 0.14 3.91
C LYS F 9 41.54 -1.33 3.68
N ALA F 10 41.86 -1.85 2.49
CA ALA F 10 41.61 -3.26 2.20
C ALA F 10 42.47 -4.18 3.06
N ILE F 11 43.75 -3.84 3.23
CA ILE F 11 44.61 -4.68 4.05
C ILE F 11 44.17 -4.63 5.51
N PHE F 12 43.76 -3.45 5.99
CA PHE F 12 43.26 -3.32 7.35
C PHE F 12 42.00 -4.17 7.56
N ALA F 13 41.11 -4.18 6.58
CA ALA F 13 39.90 -4.97 6.68
C ALA F 13 40.22 -6.45 6.78
N GLY F 14 41.22 -6.92 6.02
CA GLY F 14 41.56 -8.32 6.02
C GLY F 14 42.43 -8.78 7.18
N ASN F 15 43.09 -7.88 7.89
CA ASN F 15 44.08 -8.27 8.88
C ASN F 15 43.95 -7.63 10.25
N CYS F 16 43.26 -6.50 10.37
CA CYS F 16 43.27 -5.71 11.59
C CYS F 16 41.89 -5.42 12.14
N ALA F 17 40.83 -5.48 11.32
CA ALA F 17 39.53 -4.99 11.73
C ALA F 17 38.88 -5.85 12.80
N ALA F 18 39.28 -7.12 12.91
CA ALA F 18 38.72 -7.97 13.96
C ALA F 18 39.06 -7.44 15.35
N CYS F 19 40.28 -6.89 15.51
CA CYS F 19 40.70 -6.41 16.81
C CYS F 19 40.66 -4.90 16.97
N HIS F 20 40.65 -4.14 15.86
CA HIS F 20 40.73 -2.69 15.87
C HIS F 20 39.59 -2.05 15.09
N ASN F 21 38.44 -2.72 14.97
CA ASN F 21 37.34 -2.11 14.25
C ASN F 21 37.00 -0.75 14.83
N GLY F 22 36.82 0.24 13.95
CA GLY F 22 36.54 1.59 14.41
C GLY F 22 37.70 2.29 15.08
N GLY F 23 38.91 1.77 14.97
CA GLY F 23 40.05 2.34 15.65
C GLY F 23 40.15 2.01 17.12
N LEU F 24 39.29 1.12 17.61
CA LEU F 24 39.29 0.77 19.04
C LEU F 24 40.35 -0.30 19.31
N ASN F 25 40.37 -0.80 20.54
CA ASN F 25 41.20 -1.96 20.89
C ASN F 25 40.44 -2.70 22.00
N ALA F 26 39.54 -3.60 21.58
CA ALA F 26 38.75 -4.37 22.52
C ALA F 26 39.61 -5.06 23.57
N ILE F 27 40.71 -5.68 23.13
CA ILE F 27 41.57 -6.43 24.04
C ILE F 27 42.24 -5.52 25.07
N ASN F 28 42.84 -4.43 24.61
CA ASN F 28 43.57 -3.51 25.48
C ASN F 28 43.12 -2.07 25.22
N PRO F 29 42.10 -1.60 25.95
CA PRO F 29 41.47 -0.32 25.60
C PRO F 29 42.31 0.91 25.90
N SER F 30 43.47 0.76 26.54
CA SER F 30 44.43 1.84 26.70
CA SER F 30 44.41 1.86 26.68
C SER F 30 45.29 2.04 25.45
N LYS F 31 45.25 1.11 24.50
CA LYS F 31 46.08 1.17 23.31
C LYS F 31 45.25 1.18 22.04
N THR F 32 44.38 2.18 21.88
CA THR F 32 43.57 2.27 20.68
C THR F 32 44.40 2.84 19.52
N LEU F 33 43.76 2.99 18.36
CA LEU F 33 44.37 3.66 17.22
C LEU F 33 43.97 5.13 17.14
N LYS F 34 43.47 5.71 18.23
CA LYS F 34 43.29 7.15 18.29
C LYS F 34 44.65 7.84 18.30
N MET F 35 44.72 9.02 17.69
CA MET F 35 46.03 9.68 17.55
C MET F 35 46.71 9.83 18.90
N ALA F 36 45.95 10.18 19.94
CA ALA F 36 46.61 10.51 21.21
C ALA F 36 47.14 9.25 21.90
N ASP F 37 46.43 8.12 21.79
CA ASP F 37 46.98 6.86 22.28
C ASP F 37 48.24 6.46 21.50
N LEU F 38 48.22 6.60 20.18
CA LEU F 38 49.44 6.33 19.40
C LEU F 38 50.56 7.24 19.85
N GLU F 39 50.28 8.53 20.01
CA GLU F 39 51.31 9.46 20.45
C GLU F 39 51.85 9.10 21.82
N ALA F 40 50.94 8.74 22.75
CA ALA F 40 51.39 8.44 24.11
C ALA F 40 52.32 7.23 24.13
N ASN F 41 52.19 6.33 23.16
CA ASN F 41 53.02 5.12 23.11
C ASN F 41 54.15 5.22 22.10
N GLY F 42 54.45 6.42 21.60
CA GLY F 42 55.45 6.60 20.56
C GLY F 42 55.17 5.83 19.28
N LYS F 43 53.89 5.64 18.94
CA LYS F 43 53.51 4.87 17.78
C LYS F 43 52.85 5.72 16.69
N ASN F 44 52.82 7.04 16.85
CA ASN F 44 52.21 7.92 15.85
C ASN F 44 53.23 8.26 14.76
N SER F 45 53.58 7.24 13.97
CA SER F 45 54.38 7.47 12.77
C SER F 45 54.27 6.25 11.88
N VAL F 46 54.54 6.46 10.58
CA VAL F 46 54.54 5.34 9.64
C VAL F 46 55.53 4.30 10.09
N ALA F 47 56.75 4.74 10.45
CA ALA F 47 57.80 3.78 10.78
C ALA F 47 57.44 2.94 11.99
N ALA F 48 56.87 3.57 13.02
CA ALA F 48 56.53 2.83 14.24
C ALA F 48 55.36 1.88 14.00
N ILE F 49 54.37 2.29 13.21
CA ILE F 49 53.27 1.38 12.94
C ILE F 49 53.74 0.19 12.11
N VAL F 50 54.56 0.45 11.09
CA VAL F 50 55.16 -0.64 10.33
C VAL F 50 55.90 -1.60 11.26
N ALA F 51 56.70 -1.08 12.19
CA ALA F 51 57.39 -1.96 13.13
C ALA F 51 56.41 -2.75 14.01
N GLN F 52 55.35 -2.09 14.48
CA GLN F 52 54.35 -2.78 15.29
C GLN F 52 53.67 -3.91 14.52
N ILE F 53 53.35 -3.67 13.24
CA ILE F 53 52.75 -4.71 12.41
C ILE F 53 53.73 -5.85 12.20
N THR F 54 54.99 -5.52 11.91
CA THR F 54 55.99 -6.54 11.61
C THR F 54 56.20 -7.47 12.81
N ASN F 55 56.36 -6.90 14.00
CA ASN F 55 56.77 -7.66 15.17
C ASN F 55 55.64 -8.01 16.13
N GLY F 56 54.55 -7.26 16.14
CA GLY F 56 53.55 -7.50 17.15
C GLY F 56 54.03 -7.12 18.54
N ASN F 57 53.19 -7.44 19.52
CA ASN F 57 53.42 -7.06 20.91
C ASN F 57 52.27 -7.56 21.77
N GLY F 58 52.55 -8.21 22.88
CA GLY F 58 51.48 -8.66 23.74
C GLY F 58 50.58 -9.62 22.99
N ALA F 59 49.27 -9.41 23.09
CA ALA F 59 48.31 -10.24 22.39
C ALA F 59 48.15 -9.89 20.92
N MET F 60 48.94 -8.95 20.39
CA MET F 60 48.89 -8.66 18.96
C MET F 60 49.91 -9.51 18.23
N PRO F 61 49.50 -10.35 17.28
CA PRO F 61 50.49 -11.11 16.51
C PRO F 61 51.29 -10.22 15.59
N GLY F 62 52.50 -10.67 15.27
CA GLY F 62 53.25 -10.05 14.20
C GLY F 62 52.84 -10.58 12.84
N PHE F 63 53.09 -9.77 11.80
CA PHE F 63 52.70 -10.12 10.43
C PHE F 63 53.89 -10.23 9.49
N LYS F 64 55.12 -10.27 10.02
CA LYS F 64 56.28 -10.46 9.18
C LYS F 64 56.11 -11.70 8.33
N GLY F 65 56.23 -11.53 7.00
CA GLY F 65 56.08 -12.62 6.06
C GLY F 65 54.68 -12.84 5.54
N ARG F 66 53.67 -12.32 6.23
CA ARG F 66 52.28 -12.45 5.79
C ARG F 66 51.78 -11.21 5.05
N ILE F 67 52.43 -10.07 5.27
CA ILE F 67 52.09 -8.81 4.62
C ILE F 67 53.36 -8.24 4.04
N SER F 68 53.30 -7.76 2.80
CA SER F 68 54.48 -7.16 2.22
C SER F 68 54.80 -5.85 2.93
N ASP F 69 56.08 -5.46 2.87
CA ASP F 69 56.47 -4.18 3.44
C ASP F 69 55.65 -3.05 2.84
N SER F 70 55.54 -2.99 1.51
CA SER F 70 54.78 -1.93 0.88
C SER F 70 53.31 -1.94 1.32
N ASP F 71 52.76 -3.12 1.64
CA ASP F 71 51.39 -3.19 2.14
C ASP F 71 51.31 -2.69 3.58
N MET F 72 52.34 -2.97 4.39
CA MET F 72 52.42 -2.37 5.72
C MET F 72 52.46 -0.85 5.66
N GLU F 73 53.20 -0.29 4.69
CA GLU F 73 53.27 1.16 4.56
C GLU F 73 51.89 1.76 4.24
N ASP F 74 51.10 1.06 3.42
CA ASP F 74 49.79 1.56 3.05
C ASP F 74 48.82 1.49 4.23
N VAL F 75 48.88 0.41 5.01
CA VAL F 75 47.97 0.31 6.15
C VAL F 75 48.35 1.32 7.23
N ALA F 76 49.66 1.57 7.39
CA ALA F 76 50.10 2.61 8.33
C ALA F 76 49.57 3.97 7.91
N ALA F 77 49.64 4.29 6.61
CA ALA F 77 49.09 5.54 6.11
C ALA F 77 47.59 5.61 6.35
N TYR F 78 46.90 4.49 6.13
CA TYR F 78 45.46 4.45 6.35
C TYR F 78 45.13 4.66 7.82
N VAL F 79 45.89 4.02 8.72
CA VAL F 79 45.65 4.17 10.16
C VAL F 79 45.84 5.63 10.59
N LEU F 80 46.90 6.27 10.11
CA LEU F 80 47.14 7.66 10.51
C LEU F 80 46.12 8.62 9.87
N ASP F 81 45.69 8.34 8.64
CA ASP F 81 44.66 9.16 8.03
C ASP F 81 43.35 9.08 8.82
N GLN F 82 42.93 7.85 9.15
CA GLN F 82 41.74 7.68 9.99
C GLN F 82 41.92 8.32 11.37
N ALA F 83 43.09 8.15 12.00
CA ALA F 83 43.30 8.73 13.32
C ALA F 83 43.23 10.26 13.27
N GLU F 84 43.70 10.84 12.16
CA GLU F 84 43.68 12.30 12.05
C GLU F 84 42.26 12.83 11.86
N LYS F 85 41.46 12.12 11.05
CA LYS F 85 40.07 12.49 10.80
C LYS F 85 39.15 12.17 11.96
N GLY F 86 39.58 11.30 12.87
CA GLY F 86 38.64 10.68 13.78
C GLY F 86 38.03 9.48 13.09
N TRP F 87 38.24 8.32 13.66
CA TRP F 87 37.71 7.08 13.14
C TRP F 87 36.17 7.08 13.01
N GLY G 1 46.60 17.25 -37.04
CA GLY G 1 45.19 16.91 -37.11
C GLY G 1 44.50 17.18 -35.80
N SER G 2 43.56 18.13 -35.80
CA SER G 2 43.01 18.63 -34.56
C SER G 2 42.14 17.59 -33.87
N ALA G 3 42.25 17.52 -32.54
CA ALA G 3 41.43 16.58 -31.77
C ALA G 3 39.96 16.78 -32.08
N ASP G 4 39.26 15.66 -32.28
CA ASP G 4 37.86 15.65 -32.70
C ASP G 4 36.97 15.49 -31.47
N LEU G 5 36.30 16.58 -31.07
CA LEU G 5 35.50 16.57 -29.85
C LEU G 5 34.33 15.59 -29.95
N ALA G 6 33.72 15.49 -31.13
CA ALA G 6 32.57 14.59 -31.30
C ALA G 6 32.99 13.13 -31.20
N HIS G 7 34.11 12.79 -31.81
CA HIS G 7 34.66 11.46 -31.66
C HIS G 7 35.03 11.18 -30.20
N GLY G 8 35.63 12.15 -29.53
CA GLY G 8 35.97 11.97 -28.13
C GLY G 8 34.75 11.75 -27.28
N LYS G 9 33.64 12.41 -27.62
CA LYS G 9 32.38 12.21 -26.90
C LYS G 9 31.90 10.77 -27.01
N ALA G 10 32.02 10.18 -28.20
CA ALA G 10 31.56 8.81 -28.38
C ALA G 10 32.45 7.82 -27.63
N ILE G 11 33.77 8.05 -27.65
CA ILE G 11 34.68 7.18 -26.91
C ILE G 11 34.42 7.27 -25.41
N PHE G 12 34.15 8.47 -24.91
CA PHE G 12 33.83 8.66 -23.49
C PHE G 12 32.57 7.88 -23.11
N ALA G 13 31.52 7.98 -23.92
CA ALA G 13 30.30 7.24 -23.65
C ALA G 13 30.57 5.75 -23.52
N GLY G 14 31.43 5.21 -24.39
CA GLY G 14 31.67 3.78 -24.39
C GLY G 14 32.63 3.27 -23.34
N ASN G 15 33.47 4.14 -22.78
CA ASN G 15 34.54 3.69 -21.89
C ASN G 15 34.60 4.38 -20.54
N CYS G 16 33.95 5.54 -20.37
CA CYS G 16 34.19 6.39 -19.21
C CYS G 16 32.89 6.74 -18.51
N ALA G 17 31.77 6.72 -19.23
CA ALA G 17 30.55 7.34 -18.72
C ALA G 17 29.89 6.51 -17.62
N ALA G 18 30.16 5.22 -17.53
CA ALA G 18 29.58 4.42 -16.44
C ALA G 18 30.16 4.82 -15.09
N CYS G 19 31.46 5.08 -15.03
CA CYS G 19 32.09 5.54 -13.80
C CYS G 19 32.04 7.06 -13.63
N HIS G 20 31.99 7.81 -14.73
CA HIS G 20 32.06 9.27 -14.66
C HIS G 20 30.80 9.89 -15.27
N ASN G 21 29.64 9.49 -14.80
CA ASN G 21 28.39 9.93 -15.41
C ASN G 21 28.19 11.43 -15.19
N GLY G 22 27.99 12.16 -16.28
CA GLY G 22 27.85 13.60 -16.19
C GLY G 22 29.06 14.31 -15.61
N GLY G 23 30.24 13.70 -15.69
CA GLY G 23 31.45 14.31 -15.17
C GLY G 23 31.70 14.08 -13.71
N LEU G 24 30.88 13.26 -13.05
CA LEU G 24 31.05 12.94 -11.65
C LEU G 24 32.04 11.80 -11.49
N ASN G 25 32.10 11.21 -10.28
CA ASN G 25 32.99 10.09 -10.01
C ASN G 25 32.38 9.30 -8.85
N ALA G 26 31.61 8.26 -9.20
CA ALA G 26 30.86 7.51 -8.19
C ALA G 26 31.79 6.87 -7.16
N ILE G 27 32.91 6.29 -7.60
CA ILE G 27 33.80 5.60 -6.66
C ILE G 27 34.49 6.60 -5.73
N ASN G 28 35.04 7.67 -6.29
CA ASN G 28 35.76 8.67 -5.51
C ASN G 28 35.16 10.04 -5.83
N PRO G 29 34.16 10.46 -5.06
CA PRO G 29 33.48 11.74 -5.36
C PRO G 29 34.35 12.96 -5.18
N SER G 30 35.54 12.83 -4.59
CA SER G 30 36.49 13.94 -4.49
C SER G 30 37.27 14.19 -5.77
N LYS G 31 37.18 13.30 -6.75
CA LYS G 31 37.98 13.42 -7.96
C LYS G 31 37.06 13.35 -9.19
N THR G 32 36.17 14.34 -9.32
CA THR G 32 35.28 14.41 -10.47
C THR G 32 36.01 14.99 -11.68
N LEU G 33 35.29 15.09 -12.80
CA LEU G 33 35.83 15.73 -13.99
C LEU G 33 35.39 17.20 -14.10
N LYS G 34 34.88 17.78 -13.01
CA LYS G 34 34.69 19.23 -12.96
C LYS G 34 36.03 19.94 -13.03
N MET G 35 36.06 21.07 -13.73
CA MET G 35 37.34 21.78 -13.91
C MET G 35 38.02 22.05 -12.58
N ALA G 36 37.24 22.39 -11.54
CA ALA G 36 37.86 22.71 -10.25
C ALA G 36 38.58 21.50 -9.66
N ASP G 37 37.98 20.31 -9.77
CA ASP G 37 38.64 19.12 -9.26
C ASP G 37 39.86 18.76 -10.10
N LEU G 38 39.73 18.85 -11.44
CA LEU G 38 40.86 18.61 -12.32
C LEU G 38 42.01 19.54 -11.96
N GLU G 39 41.71 20.82 -11.78
CA GLU G 39 42.73 21.77 -11.33
C GLU G 39 43.35 21.35 -10.00
N ALA G 40 42.50 21.01 -9.02
CA ALA G 40 43.02 20.63 -7.70
C ALA G 40 44.02 19.48 -7.80
N ASN G 41 43.82 18.57 -8.75
CA ASN G 41 44.63 17.37 -8.83
C ASN G 41 45.69 17.45 -9.93
N GLY G 42 45.90 18.63 -10.51
CA GLY G 42 46.86 18.75 -11.59
C GLY G 42 46.52 17.91 -12.80
N LYS G 43 45.23 17.72 -13.06
CA LYS G 43 44.76 16.91 -14.18
C LYS G 43 44.10 17.74 -15.26
N ASN G 44 44.18 19.07 -15.19
CA ASN G 44 43.54 19.96 -16.16
C ASN G 44 44.46 20.20 -17.36
N SER G 45 44.78 19.11 -18.06
CA SER G 45 45.61 19.22 -19.26
C SER G 45 45.44 17.97 -20.10
N VAL G 46 45.75 18.09 -21.39
CA VAL G 46 45.67 16.93 -22.28
C VAL G 46 46.62 15.83 -21.83
N ALA G 47 47.87 16.18 -21.57
CA ALA G 47 48.87 15.19 -21.19
C ALA G 47 48.46 14.43 -19.93
N ALA G 48 47.92 15.14 -18.94
CA ALA G 48 47.61 14.49 -17.68
C ALA G 48 46.41 13.57 -17.79
N ILE G 49 45.41 13.97 -18.59
CA ILE G 49 44.26 13.08 -18.82
C ILE G 49 44.68 11.85 -19.62
N VAL G 50 45.51 12.03 -20.63
CA VAL G 50 46.01 10.90 -21.42
C VAL G 50 46.80 9.94 -20.54
N ALA G 51 47.61 10.48 -19.63
CA ALA G 51 48.36 9.62 -18.70
C ALA G 51 47.42 8.90 -17.74
N GLN G 52 46.37 9.59 -17.28
CA GLN G 52 45.36 8.95 -16.43
C GLN G 52 44.67 7.81 -17.14
N ILE G 53 44.28 8.02 -18.40
CA ILE G 53 43.63 6.97 -19.19
C ILE G 53 44.60 5.82 -19.43
N THR G 54 45.86 6.15 -19.72
CA THR G 54 46.83 5.13 -20.10
C THR G 54 47.16 4.22 -18.92
N ASN G 55 47.38 4.79 -17.74
CA ASN G 55 47.87 4.02 -16.59
C ASN G 55 46.85 3.84 -15.48
N GLY G 56 45.80 4.65 -15.45
CA GLY G 56 44.86 4.54 -14.34
C GLY G 56 45.50 4.93 -13.02
N ASN G 57 44.74 4.70 -11.96
CA ASN G 57 45.20 4.90 -10.59
C ASN G 57 44.12 4.37 -9.66
N GLY G 58 44.54 3.64 -8.62
CA GLY G 58 43.58 3.14 -7.66
C GLY G 58 42.49 2.33 -8.36
N ALA G 59 41.24 2.69 -8.11
CA ALA G 59 40.10 1.98 -8.67
C ALA G 59 39.84 2.28 -10.14
N MET G 60 40.58 3.21 -10.75
CA MET G 60 40.45 3.44 -12.19
C MET G 60 41.42 2.55 -12.94
N PRO G 61 40.95 1.69 -13.84
CA PRO G 61 41.87 0.85 -14.59
C PRO G 61 42.55 1.61 -15.72
N GLY G 62 43.70 1.09 -16.12
CA GLY G 62 44.38 1.62 -17.30
C GLY G 62 43.75 1.13 -18.58
N PHE G 63 43.92 1.92 -19.64
CA PHE G 63 43.40 1.56 -20.95
C PHE G 63 44.50 1.35 -21.97
N LYS G 64 45.75 1.33 -21.54
CA LYS G 64 46.88 1.10 -22.43
C LYS G 64 46.66 -0.15 -23.25
N GLY G 65 46.67 0.00 -24.57
CA GLY G 65 46.43 -1.10 -25.48
C GLY G 65 44.98 -1.28 -25.88
N ARG G 66 44.05 -0.65 -25.17
CA ARG G 66 42.63 -0.74 -25.50
C ARG G 66 42.10 0.48 -26.23
N ILE G 67 42.73 1.64 -26.03
CA ILE G 67 42.38 2.89 -26.69
C ILE G 67 43.66 3.42 -27.33
N SER G 68 43.58 3.82 -28.60
CA SER G 68 44.76 4.31 -29.29
C SER G 68 45.18 5.67 -28.75
N ASP G 69 46.43 6.03 -29.01
CA ASP G 69 46.96 7.32 -28.60
C ASP G 69 46.08 8.47 -29.10
N SER G 70 45.76 8.47 -30.39
CA SER G 70 44.99 9.58 -30.94
C SER G 70 43.54 9.55 -30.45
N ASP G 71 43.00 8.36 -30.15
CA ASP G 71 41.69 8.30 -29.52
C ASP G 71 41.72 8.85 -28.10
N MET G 72 42.80 8.62 -27.36
CA MET G 72 42.92 9.19 -26.02
C MET G 72 43.00 10.71 -26.08
N GLU G 73 43.68 11.24 -27.10
CA GLU G 73 43.70 12.69 -27.30
C GLU G 73 42.31 13.24 -27.57
N ASP G 74 41.50 12.48 -28.31
CA ASP G 74 40.13 12.92 -28.58
C ASP G 74 39.31 12.99 -27.29
N VAL G 75 39.39 11.94 -26.45
CA VAL G 75 38.59 11.95 -25.22
C VAL G 75 39.09 13.03 -24.26
N ALA G 76 40.41 13.25 -24.21
CA ALA G 76 40.95 14.28 -23.33
C ALA G 76 40.44 15.67 -23.74
N ALA G 77 40.45 15.97 -25.04
CA ALA G 77 39.88 17.23 -25.52
C ALA G 77 38.40 17.33 -25.20
N TYR G 78 37.65 16.23 -25.40
CA TYR G 78 36.25 16.23 -24.99
C TYR G 78 36.08 16.55 -23.50
N VAL G 79 36.86 15.87 -22.65
CA VAL G 79 36.70 16.05 -21.20
C VAL G 79 36.99 17.49 -20.80
N LEU G 80 38.05 18.07 -21.35
CA LEU G 80 38.41 19.44 -20.99
C LEU G 80 37.41 20.45 -21.51
N ASP G 81 36.82 20.18 -22.67
CA ASP G 81 35.78 21.05 -23.20
C ASP G 81 34.52 21.00 -22.35
N GLN G 82 34.09 19.80 -21.95
CA GLN G 82 32.95 19.71 -21.04
C GLN G 82 33.26 20.40 -19.72
N ALA G 83 34.46 20.19 -19.17
CA ALA G 83 34.80 20.81 -17.90
C ALA G 83 34.77 22.33 -18.01
N GLU G 84 35.33 22.86 -19.11
CA GLU G 84 35.33 24.30 -19.34
C GLU G 84 33.91 24.84 -19.47
N LYS G 85 33.09 24.20 -20.32
CA LYS G 85 31.69 24.60 -20.46
C LYS G 85 30.91 24.41 -19.16
N GLY G 86 31.26 23.40 -18.39
CA GLY G 86 30.39 22.91 -17.33
C GLY G 86 29.63 21.71 -17.86
N TRP G 87 29.64 20.62 -17.10
CA TRP G 87 29.06 19.36 -17.57
C TRP G 87 27.54 19.43 -17.65
N ASP H 4 31.63 -16.03 10.94
CA ASP H 4 32.25 -15.68 9.66
C ASP H 4 31.48 -14.58 8.91
N LEU H 5 30.18 -14.42 9.22
CA LEU H 5 29.42 -13.33 8.61
C LEU H 5 29.99 -11.97 9.04
N ALA H 6 30.38 -11.85 10.31
CA ALA H 6 30.99 -10.61 10.78
C ALA H 6 32.31 -10.34 10.06
N HIS H 7 33.10 -11.38 9.84
CA HIS H 7 34.33 -11.22 9.08
C HIS H 7 34.04 -10.89 7.62
N GLY H 8 33.01 -11.51 7.04
CA GLY H 8 32.62 -11.14 5.68
C GLY H 8 32.20 -9.68 5.58
N LYS H 9 31.50 -9.18 6.60
CA LYS H 9 31.11 -7.77 6.59
C LYS H 9 32.34 -6.87 6.57
N ALA H 10 33.40 -7.25 7.30
CA ALA H 10 34.60 -6.42 7.32
C ALA H 10 35.32 -6.47 5.98
N ILE H 11 35.42 -7.66 5.37
CA ILE H 11 36.00 -7.77 4.03
C ILE H 11 35.21 -6.95 3.03
N PHE H 12 33.88 -7.05 3.08
CA PHE H 12 33.03 -6.25 2.19
C PHE H 12 33.32 -4.76 2.38
N ALA H 13 33.39 -4.31 3.63
CA ALA H 13 33.61 -2.88 3.87
C ALA H 13 34.94 -2.41 3.30
N GLY H 14 35.96 -3.26 3.32
CA GLY H 14 37.25 -2.85 2.82
C GLY H 14 37.46 -3.01 1.32
N ASN H 15 36.67 -3.85 0.65
CA ASN H 15 36.91 -4.22 -0.74
C ASN H 15 35.74 -3.94 -1.67
N CYS H 16 34.51 -3.88 -1.17
CA CYS H 16 33.33 -3.88 -2.02
C CYS H 16 32.47 -2.65 -1.85
N ALA H 17 32.53 -2.00 -0.69
CA ALA H 17 31.64 -0.89 -0.39
C ALA H 17 31.91 0.33 -1.27
N ALA H 18 33.09 0.44 -1.86
CA ALA H 18 33.33 1.59 -2.73
C ALA H 18 32.41 1.58 -3.94
N CYS H 19 32.04 0.39 -4.43
CA CYS H 19 31.15 0.28 -5.56
C CYS H 19 29.76 -0.25 -5.21
N HIS H 20 29.60 -0.93 -4.06
CA HIS H 20 28.35 -1.61 -3.76
C HIS H 20 27.78 -1.19 -2.42
N ASN H 21 28.04 0.04 -2.00
CA ASN H 21 27.52 0.50 -0.71
C ASN H 21 26.00 0.36 -0.66
N GLY H 22 25.48 -0.17 0.45
CA GLY H 22 24.05 -0.40 0.55
C GLY H 22 23.49 -1.48 -0.37
N GLY H 23 24.34 -2.30 -0.95
CA GLY H 23 23.89 -3.31 -1.91
C GLY H 23 23.59 -2.79 -3.30
N LEU H 24 23.92 -1.52 -3.59
CA LEU H 24 23.61 -0.92 -4.89
C LEU H 24 24.77 -1.13 -5.85
N ASN H 25 24.72 -0.45 -7.00
CA ASN H 25 25.81 -0.55 -7.97
C ASN H 25 25.72 0.71 -8.84
N ALA H 26 26.33 1.80 -8.37
CA ALA H 26 26.21 3.06 -9.08
C ALA H 26 26.74 2.96 -10.51
N ILE H 27 27.83 2.21 -10.69
CA ILE H 27 28.45 2.07 -12.01
C ILE H 27 27.54 1.30 -12.97
N ASN H 28 26.84 0.29 -12.48
CA ASN H 28 25.91 -0.48 -13.32
C ASN H 28 24.63 -0.71 -12.54
N PRO H 29 23.69 0.23 -12.61
CA PRO H 29 22.50 0.14 -11.74
C PRO H 29 21.59 -1.04 -12.04
N SER H 30 21.78 -1.71 -13.16
CA SER H 30 21.00 -2.92 -13.42
C SER H 30 21.54 -4.15 -12.68
N LYS H 31 22.74 -4.08 -12.10
CA LYS H 31 23.36 -5.24 -11.49
C LYS H 31 23.65 -5.02 -10.00
N THR H 32 22.62 -4.76 -9.21
CA THR H 32 22.82 -4.53 -7.78
C THR H 32 23.01 -5.85 -7.04
N LEU H 33 23.21 -5.75 -5.74
CA LEU H 33 23.27 -6.93 -4.89
C LEU H 33 21.93 -7.22 -4.22
N LYS H 34 20.85 -6.61 -4.71
CA LYS H 34 19.52 -6.99 -4.25
C LYS H 34 19.23 -8.41 -4.72
N MET H 35 18.48 -9.15 -3.90
CA MET H 35 18.27 -10.56 -4.21
C MET H 35 17.65 -10.75 -5.58
N ALA H 36 16.72 -9.86 -5.96
CA ALA H 36 16.04 -9.99 -7.25
C ALA H 36 17.00 -9.84 -8.42
N ASP H 37 17.92 -8.88 -8.34
CA ASP H 37 18.93 -8.75 -9.40
C ASP H 37 19.88 -9.95 -9.42
N LEU H 38 20.31 -10.42 -8.25
CA LEU H 38 21.18 -11.59 -8.21
C LEU H 38 20.49 -12.80 -8.84
N GLU H 39 19.22 -13.01 -8.50
CA GLU H 39 18.42 -14.08 -9.08
C GLU H 39 18.34 -13.96 -10.59
N ALA H 40 18.02 -12.76 -11.09
CA ALA H 40 17.87 -12.56 -12.52
C ALA H 40 19.16 -12.85 -13.27
N ASN H 41 20.32 -12.70 -12.61
CA ASN H 41 21.60 -12.90 -13.26
C ASN H 41 22.27 -14.21 -12.88
N GLY H 42 21.57 -15.11 -12.19
CA GLY H 42 22.16 -16.37 -11.81
C GLY H 42 23.31 -16.24 -10.84
N LYS H 43 23.31 -15.18 -10.03
CA LYS H 43 24.38 -14.92 -9.09
C LYS H 43 23.94 -15.13 -7.64
N ASN H 44 22.77 -15.71 -7.40
CA ASN H 44 22.26 -15.86 -6.04
C ASN H 44 22.73 -17.17 -5.40
N SER H 45 24.05 -17.37 -5.39
CA SER H 45 24.62 -18.56 -4.75
C SER H 45 26.04 -18.25 -4.33
N VAL H 46 26.54 -19.03 -3.35
CA VAL H 46 27.94 -18.88 -2.92
C VAL H 46 28.89 -19.07 -4.10
N ALA H 47 28.73 -20.18 -4.85
CA ALA H 47 29.67 -20.47 -5.93
C ALA H 47 29.69 -19.35 -6.98
N ALA H 48 28.52 -18.81 -7.31
CA ALA H 48 28.48 -17.78 -8.33
C ALA H 48 29.13 -16.48 -7.84
N ILE H 49 28.92 -16.11 -6.57
CA ILE H 49 29.52 -14.88 -6.07
C ILE H 49 31.03 -15.05 -5.93
N VAL H 50 31.48 -16.21 -5.45
CA VAL H 50 32.92 -16.45 -5.33
C VAL H 50 33.59 -16.32 -6.69
N ALA H 51 32.99 -16.89 -7.74
CA ALA H 51 33.52 -16.77 -9.09
C ALA H 51 33.52 -15.32 -9.58
N GLN H 52 32.43 -14.60 -9.35
CA GLN H 52 32.38 -13.16 -9.66
C GLN H 52 33.53 -12.40 -9.00
N ILE H 53 33.74 -12.65 -7.70
CA ILE H 53 34.83 -11.99 -6.96
C ILE H 53 36.17 -12.38 -7.54
N THR H 54 36.35 -13.67 -7.83
CA THR H 54 37.65 -14.16 -8.28
C THR H 54 38.04 -13.57 -9.62
N ASN H 55 37.13 -13.63 -10.60
CA ASN H 55 37.48 -13.28 -11.97
C ASN H 55 37.01 -11.90 -12.39
N GLY H 56 36.04 -11.32 -11.69
CA GLY H 56 35.50 -10.04 -12.06
C GLY H 56 34.67 -10.14 -13.33
N ASN H 57 34.14 -9.00 -13.75
CA ASN H 57 33.40 -8.92 -15.01
C ASN H 57 33.14 -7.45 -15.32
N GLY H 58 33.23 -7.10 -16.61
CA GLY H 58 32.97 -5.73 -17.01
C GLY H 58 33.81 -4.76 -16.21
N ALA H 59 33.16 -3.75 -15.64
CA ALA H 59 33.88 -2.77 -14.84
C ALA H 59 34.21 -3.28 -13.44
N MET H 60 33.89 -4.53 -13.11
CA MET H 60 34.24 -5.06 -11.80
C MET H 60 35.55 -5.81 -11.86
N PRO H 61 36.56 -5.40 -11.11
CA PRO H 61 37.84 -6.11 -11.14
C PRO H 61 37.75 -7.46 -10.44
N GLY H 62 38.64 -8.37 -10.86
CA GLY H 62 38.85 -9.59 -10.11
C GLY H 62 39.69 -9.37 -8.85
N PHE H 63 39.53 -10.29 -7.90
CA PHE H 63 40.22 -10.20 -6.62
C PHE H 63 41.12 -11.41 -6.37
N LYS H 64 41.34 -12.26 -7.37
CA LYS H 64 42.20 -13.43 -7.18
C LYS H 64 43.59 -12.97 -6.74
N GLY H 65 44.12 -13.61 -5.70
CA GLY H 65 45.37 -13.21 -5.11
C GLY H 65 45.28 -12.09 -4.10
N ARG H 66 44.15 -11.37 -4.03
CA ARG H 66 44.00 -10.25 -3.11
C ARG H 66 43.04 -10.51 -1.96
N ILE H 67 42.16 -11.50 -2.09
CA ILE H 67 41.28 -11.97 -1.03
C ILE H 67 41.42 -13.50 -1.00
N SER H 68 41.60 -14.05 0.20
CA SER H 68 41.78 -15.49 0.30
C SER H 68 40.46 -16.21 -0.05
N ASP H 69 40.58 -17.49 -0.40
CA ASP H 69 39.39 -18.29 -0.70
C ASP H 69 38.43 -18.29 0.47
N SER H 70 38.96 -18.52 1.66
CA SER H 70 38.14 -18.54 2.87
C SER H 70 37.41 -17.21 3.03
N ASP H 71 38.10 -16.10 2.80
CA ASP H 71 37.47 -14.80 2.95
C ASP H 71 36.43 -14.55 1.87
N MET H 72 36.67 -15.03 0.64
CA MET H 72 35.66 -14.88 -0.40
C MET H 72 34.38 -15.60 -0.02
N GLU H 73 34.51 -16.77 0.60
CA GLU H 73 33.34 -17.50 1.09
C GLU H 73 32.61 -16.69 2.15
N ASP H 74 33.35 -16.01 3.03
CA ASP H 74 32.72 -15.19 4.05
C ASP H 74 31.97 -14.02 3.45
N VAL H 75 32.59 -13.31 2.49
CA VAL H 75 31.92 -12.16 1.90
C VAL H 75 30.72 -12.60 1.08
N ALA H 76 30.81 -13.75 0.39
CA ALA H 76 29.63 -14.23 -0.33
C ALA H 76 28.49 -14.54 0.64
N ALA H 77 28.82 -15.11 1.80
CA ALA H 77 27.77 -15.39 2.79
C ALA H 77 27.16 -14.09 3.30
N TYR H 78 27.99 -13.08 3.55
CA TYR H 78 27.49 -11.78 4.00
C TYR H 78 26.57 -11.15 2.96
N VAL H 79 26.98 -11.18 1.68
CA VAL H 79 26.15 -10.59 0.62
C VAL H 79 24.80 -11.29 0.53
N LEU H 80 24.79 -12.64 0.53
CA LEU H 80 23.51 -13.34 0.42
C LEU H 80 22.63 -13.13 1.65
N ASP H 81 23.25 -12.99 2.82
CA ASP H 81 22.48 -12.72 4.04
C ASP H 81 21.86 -11.32 4.01
N GLN H 82 22.63 -10.31 3.55
CA GLN H 82 22.06 -8.97 3.40
C GLN H 82 20.99 -8.94 2.31
N ALA H 83 21.24 -9.63 1.19
CA ALA H 83 20.25 -9.66 0.12
C ALA H 83 18.96 -10.31 0.59
N GLU H 84 19.08 -11.38 1.38
CA GLU H 84 17.89 -12.06 1.89
C GLU H 84 17.14 -11.19 2.88
N LYS H 85 17.87 -10.51 3.77
CA LYS H 85 17.23 -9.65 4.76
C LYS H 85 16.73 -8.34 4.17
N GLY H 86 17.31 -7.91 3.05
CA GLY H 86 17.13 -6.55 2.61
C GLY H 86 18.24 -5.69 3.16
N TRP H 87 18.94 -4.97 2.28
CA TRP H 87 20.13 -4.22 2.64
C TRP H 87 19.80 -3.02 3.50
N SER I 2 -42.48 16.52 -49.22
CA SER I 2 -42.32 16.78 -47.81
C SER I 2 -43.63 17.20 -47.16
N ALA I 3 -44.75 16.77 -47.74
CA ALA I 3 -46.05 17.19 -47.21
C ALA I 3 -46.37 16.48 -45.90
N ASP I 4 -46.12 15.17 -45.83
CA ASP I 4 -46.30 14.48 -44.55
C ASP I 4 -45.21 14.85 -43.57
N LEU I 5 -44.00 15.12 -44.06
CA LEU I 5 -42.91 15.55 -43.17
C LEU I 5 -43.18 16.93 -42.61
N ALA I 6 -43.74 17.83 -43.43
CA ALA I 6 -44.09 19.16 -42.93
C ALA I 6 -45.20 19.07 -41.89
N HIS I 7 -46.20 18.22 -42.13
CA HIS I 7 -47.22 17.99 -41.12
C HIS I 7 -46.62 17.33 -39.87
N GLY I 8 -45.72 16.37 -40.06
CA GLY I 8 -45.07 15.74 -38.92
C GLY I 8 -44.27 16.72 -38.09
N LYS I 9 -43.64 17.69 -38.75
CA LYS I 9 -42.87 18.70 -38.04
C LYS I 9 -43.77 19.61 -37.19
N ALA I 10 -44.95 19.97 -37.72
CA ALA I 10 -45.88 20.77 -36.94
C ALA I 10 -46.42 19.98 -35.75
N ILE I 11 -46.68 18.69 -35.94
CA ILE I 11 -47.15 17.87 -34.82
C ILE I 11 -46.05 17.75 -33.77
N PHE I 12 -44.81 17.57 -34.22
CA PHE I 12 -43.68 17.53 -33.29
C PHE I 12 -43.58 18.82 -32.50
N ALA I 13 -43.70 19.96 -33.19
CA ALA I 13 -43.65 21.24 -32.49
C ALA I 13 -44.77 21.36 -31.46
N GLY I 14 -45.96 20.83 -31.79
CA GLY I 14 -47.10 20.97 -30.90
C GLY I 14 -47.12 19.99 -29.73
N ASN I 15 -46.38 18.89 -29.81
CA ASN I 15 -46.55 17.82 -28.84
C ASN I 15 -45.26 17.25 -28.27
N CYS I 16 -44.11 17.48 -28.90
CA CYS I 16 -42.90 16.73 -28.59
C CYS I 16 -41.74 17.66 -28.27
N ALA I 17 -41.72 18.86 -28.87
CA ALA I 17 -40.52 19.69 -28.87
C ALA I 17 -40.17 20.23 -27.49
N ALA I 18 -41.16 20.36 -26.60
CA ALA I 18 -40.85 20.82 -25.25
C ALA I 18 -39.88 19.88 -24.56
N CYS I 19 -40.12 18.57 -24.67
CA CYS I 19 -39.27 17.56 -24.02
C CYS I 19 -38.13 17.07 -24.91
N HIS I 20 -38.24 17.22 -26.22
CA HIS I 20 -37.25 16.68 -27.15
C HIS I 20 -36.66 17.75 -28.05
N ASN I 21 -36.42 18.95 -27.50
CA ASN I 21 -35.92 20.07 -28.29
C ASN I 21 -34.60 19.71 -28.97
N GLY I 22 -34.55 19.90 -30.29
CA GLY I 22 -33.35 19.55 -31.03
C GLY I 22 -33.01 18.08 -31.04
N GLY I 23 -34.00 17.21 -30.83
CA GLY I 23 -33.74 15.78 -30.80
C GLY I 23 -33.16 15.24 -29.51
N LEU I 24 -33.00 16.07 -28.48
CA LEU I 24 -32.43 15.64 -27.21
C LEU I 24 -33.52 15.05 -26.32
N ASN I 25 -33.21 14.82 -25.05
CA ASN I 25 -34.16 14.28 -24.07
C ASN I 25 -33.73 14.83 -22.70
N ALA I 26 -34.32 15.98 -22.34
CA ALA I 26 -33.94 16.68 -21.13
C ALA I 26 -34.08 15.78 -19.90
N ILE I 27 -35.19 15.06 -19.81
CA ILE I 27 -35.49 14.27 -18.61
C ILE I 27 -34.61 13.02 -18.55
N ASN I 28 -34.30 12.42 -19.69
CA ASN I 28 -33.54 11.17 -19.73
C ASN I 28 -32.51 11.28 -20.84
N PRO I 29 -31.34 11.85 -20.54
CA PRO I 29 -30.35 12.14 -21.59
C PRO I 29 -29.77 10.91 -22.28
N SER I 30 -30.04 9.71 -21.76
CA SER I 30 -29.60 8.49 -22.44
C SER I 30 -30.55 8.07 -23.54
N LYS I 31 -31.74 8.67 -23.64
CA LYS I 31 -32.70 8.26 -24.66
C LYS I 31 -33.10 9.43 -25.55
N THR I 32 -32.13 9.96 -26.29
CA THR I 32 -32.42 11.03 -27.23
C THR I 32 -33.09 10.48 -28.48
N LEU I 33 -33.38 11.39 -29.40
CA LEU I 33 -33.84 11.02 -30.73
C LEU I 33 -32.71 10.99 -31.74
N LYS I 34 -31.46 10.93 -31.28
CA LYS I 34 -30.36 10.65 -32.18
C LYS I 34 -30.52 9.22 -32.70
N MET I 35 -30.15 9.02 -33.97
CA MET I 35 -30.35 7.70 -34.56
C MET I 35 -29.68 6.61 -33.74
N ALA I 36 -28.47 6.87 -33.23
CA ALA I 36 -27.77 5.83 -32.50
C ALA I 36 -28.47 5.48 -31.20
N ASP I 37 -29.15 6.45 -30.56
CA ASP I 37 -29.90 6.12 -29.35
C ASP I 37 -31.18 5.36 -29.70
N LEU I 38 -31.86 5.77 -30.77
CA LEU I 38 -33.02 5.02 -31.23
C LEU I 38 -32.62 3.59 -31.58
N GLU I 39 -31.51 3.45 -32.31
CA GLU I 39 -31.02 2.13 -32.67
C GLU I 39 -30.68 1.29 -31.44
N ALA I 40 -30.03 1.90 -30.45
CA ALA I 40 -29.60 1.15 -29.28
C ALA I 40 -30.80 0.61 -28.49
N ASN I 41 -31.94 1.29 -28.58
CA ASN I 41 -33.13 0.91 -27.83
C ASN I 41 -34.19 0.23 -28.69
N GLY I 42 -33.84 -0.17 -29.92
CA GLY I 42 -34.81 -0.82 -30.78
C GLY I 42 -35.93 0.07 -31.28
N LYS I 43 -35.72 1.39 -31.33
CA LYS I 43 -36.78 2.32 -31.68
C LYS I 43 -36.55 3.00 -33.02
N ASN I 44 -35.58 2.53 -33.80
CA ASN I 44 -35.30 3.14 -35.10
C ASN I 44 -36.17 2.49 -36.19
N SER I 45 -37.47 2.77 -36.10
CA SER I 45 -38.41 2.33 -37.13
C SER I 45 -39.69 3.12 -36.97
N VAL I 46 -40.44 3.25 -38.06
CA VAL I 46 -41.73 3.94 -37.98
C VAL I 46 -42.63 3.22 -36.99
N ALA I 47 -42.72 1.90 -37.11
CA ALA I 47 -43.60 1.13 -36.22
C ALA I 47 -43.24 1.32 -34.75
N ALA I 48 -41.95 1.32 -34.43
CA ALA I 48 -41.59 1.41 -33.02
C ALA I 48 -41.81 2.82 -32.46
N ILE I 49 -41.64 3.85 -33.30
CA ILE I 49 -41.87 5.20 -32.83
C ILE I 49 -43.37 5.45 -32.65
N VAL I 50 -44.18 4.96 -33.60
CA VAL I 50 -45.63 5.08 -33.45
C VAL I 50 -46.09 4.42 -32.15
N ALA I 51 -45.56 3.23 -31.84
CA ALA I 51 -45.93 2.54 -30.60
C ALA I 51 -45.50 3.33 -29.37
N GLN I 52 -44.29 3.92 -29.41
CA GLN I 52 -43.83 4.75 -28.31
C GLN I 52 -44.73 5.95 -28.10
N ILE I 53 -45.16 6.58 -29.20
CA ILE I 53 -46.07 7.71 -29.10
C ILE I 53 -47.40 7.27 -28.51
N THR I 54 -47.90 6.13 -28.98
CA THR I 54 -49.21 5.65 -28.58
C THR I 54 -49.27 5.38 -27.08
N ASN I 55 -48.29 4.67 -26.55
CA ASN I 55 -48.31 4.16 -25.19
C ASN I 55 -47.49 4.98 -24.21
N GLY I 56 -46.49 5.71 -24.67
CA GLY I 56 -45.60 6.39 -23.76
C GLY I 56 -44.73 5.42 -22.98
N ASN I 57 -43.95 5.99 -22.06
CA ASN I 57 -43.03 5.23 -21.22
C ASN I 57 -42.43 6.16 -20.17
N GLY I 58 -42.39 5.70 -18.92
CA GLY I 58 -41.80 6.53 -17.87
C GLY I 58 -42.42 7.91 -17.82
N ALA I 59 -41.56 8.93 -17.77
CA ALA I 59 -42.06 10.30 -17.76
C ALA I 59 -42.62 10.75 -19.11
N MET I 60 -42.61 9.91 -20.14
CA MET I 60 -43.24 10.30 -21.40
C MET I 60 -44.69 9.84 -21.41
N PRO I 61 -45.65 10.75 -21.58
CA PRO I 61 -47.06 10.33 -21.64
C PRO I 61 -47.39 9.66 -22.95
N GLY I 62 -48.45 8.86 -22.93
CA GLY I 62 -48.99 8.30 -24.14
C GLY I 62 -49.89 9.31 -24.83
N PHE I 63 -50.03 9.16 -26.15
CA PHE I 63 -50.85 10.09 -26.93
C PHE I 63 -52.04 9.42 -27.60
N LYS I 64 -52.37 8.18 -27.22
CA LYS I 64 -53.51 7.51 -27.83
C LYS I 64 -54.77 8.34 -27.63
N GLY I 65 -55.56 8.48 -28.70
CA GLY I 65 -56.75 9.31 -28.65
C GLY I 65 -56.51 10.80 -28.68
N ARG I 66 -55.27 11.26 -28.46
CA ARG I 66 -54.95 12.67 -28.56
C ARG I 66 -54.32 13.04 -29.89
N ILE I 67 -53.65 12.09 -30.53
CA ILE I 67 -53.05 12.26 -31.84
C ILE I 67 -53.54 11.12 -32.70
N SER I 68 -54.09 11.44 -33.87
CA SER I 68 -54.57 10.38 -34.76
C SER I 68 -53.40 9.50 -35.18
N ASP I 69 -53.73 8.26 -35.54
CA ASP I 69 -52.69 7.33 -35.98
C ASP I 69 -51.97 7.88 -37.20
N SER I 70 -52.70 8.47 -38.14
CA SER I 70 -52.08 9.06 -39.33
C SER I 70 -51.13 10.20 -38.95
N ASP I 71 -51.47 10.98 -37.94
CA ASP I 71 -50.56 12.01 -37.45
C ASP I 71 -49.31 11.40 -36.80
N MET I 72 -49.48 10.26 -36.13
CA MET I 72 -48.33 9.58 -35.54
C MET I 72 -47.38 9.06 -36.61
N GLU I 73 -47.93 8.55 -37.72
CA GLU I 73 -47.08 8.12 -38.83
C GLU I 73 -46.26 9.27 -39.36
N ASP I 74 -46.87 10.46 -39.45
CA ASP I 74 -46.18 11.65 -39.97
C ASP I 74 -45.07 12.10 -39.04
N VAL I 75 -45.33 12.15 -37.73
CA VAL I 75 -44.29 12.62 -36.83
C VAL I 75 -43.18 11.58 -36.73
N ALA I 76 -43.50 10.29 -36.84
CA ALA I 76 -42.47 9.27 -36.83
C ALA I 76 -41.52 9.42 -38.02
N ALA I 77 -42.09 9.71 -39.19
CA ALA I 77 -41.26 9.93 -40.38
C ALA I 77 -40.40 11.18 -40.22
N TYR I 78 -40.97 12.24 -39.62
CA TYR I 78 -40.19 13.46 -39.37
C TYR I 78 -39.03 13.20 -38.43
N VAL I 79 -39.27 12.48 -37.33
CA VAL I 79 -38.21 12.16 -36.38
C VAL I 79 -37.06 11.43 -37.05
N LEU I 80 -37.39 10.38 -37.83
CA LEU I 80 -36.35 9.59 -38.47
C LEU I 80 -35.62 10.39 -39.54
N ASP I 81 -36.34 11.22 -40.29
CA ASP I 81 -35.68 12.11 -41.25
C ASP I 81 -34.72 13.07 -40.55
N GLN I 82 -35.15 13.67 -39.43
CA GLN I 82 -34.24 14.54 -38.68
C GLN I 82 -33.06 13.76 -38.12
N ALA I 83 -33.30 12.57 -37.56
CA ALA I 83 -32.20 11.79 -37.01
C ALA I 83 -31.18 11.39 -38.08
N GLU I 84 -31.65 11.06 -39.29
CA GLU I 84 -30.71 10.70 -40.35
C GLU I 84 -29.89 11.93 -40.78
N LYS I 85 -30.54 13.09 -40.90
CA LYS I 85 -29.85 14.34 -41.22
C LYS I 85 -28.91 14.80 -40.12
N GLY I 86 -29.15 14.41 -38.89
CA GLY I 86 -28.54 15.09 -37.78
C GLY I 86 -29.45 16.23 -37.40
N TRP I 87 -29.83 16.31 -36.14
CA TRP I 87 -30.85 17.26 -35.72
C TRP I 87 -30.36 18.71 -35.81
N SER J 2 -38.38 20.18 10.84
CA SER J 2 -39.83 20.14 10.74
C SER J 2 -40.32 18.83 10.13
N ALA J 3 -41.30 18.20 10.80
CA ALA J 3 -41.85 16.96 10.25
C ALA J 3 -42.60 17.22 8.96
N ASP J 4 -43.30 18.37 8.87
CA ASP J 4 -44.02 18.72 7.65
C ASP J 4 -43.07 18.90 6.47
N LEU J 5 -41.93 19.56 6.68
CA LEU J 5 -40.96 19.76 5.61
C LEU J 5 -40.37 18.43 5.16
N ALA J 6 -40.09 17.54 6.12
CA ALA J 6 -39.53 16.23 5.78
C ALA J 6 -40.50 15.43 4.93
N HIS J 7 -41.80 15.52 5.22
CA HIS J 7 -42.79 14.86 4.37
C HIS J 7 -42.85 15.49 2.98
N GLY J 8 -42.75 16.83 2.90
CA GLY J 8 -42.68 17.47 1.60
C GLY J 8 -41.46 17.04 0.80
N LYS J 9 -40.33 16.82 1.49
CA LYS J 9 -39.13 16.40 0.80
C LYS J 9 -39.30 15.00 0.20
N ALA J 10 -40.00 14.11 0.92
CA ALA J 10 -40.27 12.78 0.37
C ALA J 10 -41.27 12.84 -0.79
N ILE J 11 -42.26 13.73 -0.70
CA ILE J 11 -43.21 13.90 -1.80
C ILE J 11 -42.50 14.42 -3.05
N PHE J 12 -41.55 15.34 -2.87
CA PHE J 12 -40.77 15.87 -3.97
C PHE J 12 -39.97 14.76 -4.65
N ALA J 13 -39.33 13.90 -3.84
CA ALA J 13 -38.55 12.80 -4.38
C ALA J 13 -39.42 11.84 -5.17
N GLY J 14 -40.65 11.60 -4.71
CA GLY J 14 -41.52 10.65 -5.40
C GLY J 14 -42.22 11.20 -6.62
N ASN J 15 -42.29 12.52 -6.77
CA ASN J 15 -43.16 13.12 -7.79
C ASN J 15 -42.53 14.20 -8.66
N CYS J 16 -41.46 14.87 -8.22
CA CYS J 16 -40.99 16.08 -8.84
C CYS J 16 -39.54 16.06 -9.26
N ALA J 17 -38.72 15.17 -8.67
CA ALA J 17 -37.27 15.20 -8.85
C ALA J 17 -36.84 14.74 -10.25
N ALA J 18 -37.65 13.97 -10.95
CA ALA J 18 -37.28 13.59 -12.31
C ALA J 18 -37.18 14.79 -13.24
N CYS J 19 -38.00 15.81 -12.99
CA CYS J 19 -37.99 17.00 -13.82
C CYS J 19 -37.35 18.22 -13.15
N HIS J 20 -37.31 18.28 -11.82
CA HIS J 20 -36.83 19.44 -11.09
C HIS J 20 -35.66 19.11 -10.15
N ASN J 21 -34.85 18.10 -10.49
CA ASN J 21 -33.71 17.76 -9.64
C ASN J 21 -32.89 19.00 -9.31
N GLY J 22 -32.60 19.18 -8.02
CA GLY J 22 -31.80 20.32 -7.60
C GLY J 22 -32.45 21.67 -7.81
N GLY J 23 -33.78 21.71 -8.00
CA GLY J 23 -34.47 22.96 -8.24
C GLY J 23 -34.36 23.47 -9.65
N LEU J 24 -33.82 22.68 -10.57
CA LEU J 24 -33.67 23.09 -11.96
C LEU J 24 -34.98 22.82 -12.71
N ASN J 25 -34.94 23.03 -14.03
CA ASN J 25 -36.07 22.67 -14.89
C ASN J 25 -35.49 22.32 -16.26
N ALA J 26 -35.13 21.04 -16.43
CA ALA J 26 -34.44 20.63 -17.66
C ALA J 26 -35.29 20.91 -18.89
N ILE J 27 -36.61 20.70 -18.79
CA ILE J 27 -37.50 20.90 -19.92
C ILE J 27 -37.61 22.38 -20.28
N ASN J 28 -37.74 23.25 -19.28
CA ASN J 28 -37.89 24.69 -19.51
C ASN J 28 -36.94 25.44 -18.59
N PRO J 29 -35.72 25.73 -19.06
CA PRO J 29 -34.72 26.38 -18.19
C PRO J 29 -35.05 27.81 -17.77
N SER J 30 -36.09 28.44 -18.32
CA SER J 30 -36.50 29.76 -17.85
C SER J 30 -37.47 29.68 -16.67
N LYS J 31 -37.95 28.49 -16.32
CA LYS J 31 -38.83 28.36 -15.16
C LYS J 31 -38.26 27.38 -14.13
N THR J 32 -37.11 27.72 -13.56
CA THR J 32 -36.53 26.89 -12.51
C THR J 32 -37.30 27.09 -11.21
N LEU J 33 -36.94 26.31 -10.20
CA LEU J 33 -37.48 26.52 -8.86
C LEU J 33 -36.57 27.40 -8.01
N LYS J 34 -35.61 28.09 -8.62
CA LYS J 34 -34.84 29.11 -7.92
C LYS J 34 -35.76 30.26 -7.50
N MET J 35 -35.44 30.89 -6.38
CA MET J 35 -36.33 31.95 -5.89
C MET J 35 -36.55 33.04 -6.95
N ALA J 36 -35.49 33.42 -7.68
CA ALA J 36 -35.63 34.49 -8.66
C ALA J 36 -36.65 34.14 -9.73
N ASP J 37 -36.61 32.89 -10.24
CA ASP J 37 -37.59 32.48 -11.25
C ASP J 37 -38.99 32.35 -10.65
N LEU J 38 -39.10 31.87 -9.41
CA LEU J 38 -40.42 31.84 -8.77
C LEU J 38 -41.01 33.24 -8.70
N GLU J 39 -40.23 34.22 -8.24
CA GLU J 39 -40.69 35.60 -8.22
C GLU J 39 -41.05 36.09 -9.61
N ALA J 40 -40.24 35.75 -10.62
CA ALA J 40 -40.50 36.20 -11.97
C ALA J 40 -41.84 35.72 -12.52
N ASN J 41 -42.41 34.67 -11.94
CA ASN J 41 -43.67 34.11 -12.42
C ASN J 41 -44.81 34.22 -11.41
N GLY J 42 -44.63 35.02 -10.35
CA GLY J 42 -45.63 35.08 -9.29
C GLY J 42 -45.89 33.74 -8.63
N LYS J 43 -44.87 32.89 -8.53
CA LYS J 43 -45.01 31.58 -7.89
C LYS J 43 -44.31 31.53 -6.55
N ASN J 44 -43.95 32.68 -5.98
CA ASN J 44 -43.21 32.71 -4.72
C ASN J 44 -44.16 32.71 -3.53
N SER J 45 -45.09 31.75 -3.51
CA SER J 45 -46.00 31.60 -2.38
C SER J 45 -46.45 30.15 -2.33
N VAL J 46 -46.85 29.70 -1.14
CA VAL J 46 -47.34 28.33 -1.00
C VAL J 46 -48.57 28.13 -1.87
N ALA J 47 -49.51 29.09 -1.85
CA ALA J 47 -50.74 28.91 -2.60
C ALA J 47 -50.48 28.82 -4.11
N ALA J 48 -49.57 29.64 -4.63
CA ALA J 48 -49.28 29.59 -6.06
C ALA J 48 -48.64 28.26 -6.46
N ILE J 49 -47.76 27.73 -5.61
CA ILE J 49 -47.12 26.46 -5.93
C ILE J 49 -48.13 25.33 -5.86
N VAL J 50 -49.05 25.38 -4.90
CA VAL J 50 -50.11 24.38 -4.82
C VAL J 50 -50.96 24.40 -6.07
N ALA J 51 -51.32 25.59 -6.57
CA ALA J 51 -52.12 25.67 -7.79
C ALA J 51 -51.35 25.10 -8.98
N GLN J 52 -50.04 25.35 -9.04
CA GLN J 52 -49.23 24.79 -10.11
C GLN J 52 -49.19 23.28 -10.06
N ILE J 53 -49.05 22.71 -8.87
CA ILE J 53 -49.05 21.26 -8.73
C ILE J 53 -50.42 20.69 -9.08
N THR J 54 -51.48 21.39 -8.68
CA THR J 54 -52.84 20.89 -8.86
C THR J 54 -53.19 20.80 -10.33
N ASN J 55 -52.87 21.85 -11.09
CA ASN J 55 -53.35 22.00 -12.46
C ASN J 55 -52.30 21.70 -13.50
N GLY J 56 -51.02 21.75 -13.14
CA GLY J 56 -49.98 21.66 -14.14
C GLY J 56 -50.01 22.85 -15.09
N ASN J 57 -49.15 22.77 -16.11
CA ASN J 57 -49.02 23.83 -17.10
C ASN J 57 -48.02 23.35 -18.15
N GLY J 58 -48.35 23.49 -19.43
CA GLY J 58 -47.42 23.06 -20.46
C GLY J 58 -47.05 21.59 -20.30
N ALA J 59 -45.76 21.29 -20.33
CA ALA J 59 -45.32 19.91 -20.20
C ALA J 59 -45.37 19.40 -18.77
N MET J 60 -45.67 20.25 -17.80
CA MET J 60 -45.82 19.76 -16.43
C MET J 60 -47.23 19.21 -16.25
N PRO J 61 -47.37 17.95 -15.88
CA PRO J 61 -48.70 17.39 -15.65
C PRO J 61 -49.27 17.87 -14.32
N GLY J 62 -50.60 17.86 -14.25
CA GLY J 62 -51.27 18.16 -13.01
C GLY J 62 -51.33 16.95 -12.09
N PHE J 63 -51.43 17.21 -10.79
CA PHE J 63 -51.41 16.14 -9.80
C PHE J 63 -52.70 16.05 -9.01
N LYS J 64 -53.73 16.81 -9.39
CA LYS J 64 -55.03 16.69 -8.74
C LYS J 64 -55.51 15.24 -8.78
N GLY J 65 -55.86 14.71 -7.61
CA GLY J 65 -56.30 13.34 -7.48
C GLY J 65 -55.19 12.32 -7.25
N ARG J 66 -53.95 12.64 -7.65
CA ARG J 66 -52.84 11.71 -7.45
C ARG J 66 -52.07 11.99 -6.17
N ILE J 67 -52.05 13.24 -5.73
CA ILE J 67 -51.42 13.68 -4.50
C ILE J 67 -52.50 14.34 -3.66
N SER J 68 -52.48 14.10 -2.35
CA SER J 68 -53.52 14.68 -1.53
C SER J 68 -53.31 16.19 -1.39
N ASP J 69 -54.38 16.89 -1.02
CA ASP J 69 -54.27 18.31 -0.75
C ASP J 69 -53.22 18.59 0.32
N SER J 70 -53.24 17.79 1.39
CA SER J 70 -52.26 17.98 2.45
C SER J 70 -50.84 17.72 1.95
N ASP J 71 -50.67 16.69 1.12
CA ASP J 71 -49.34 16.41 0.55
C ASP J 71 -48.86 17.56 -0.32
N MET J 72 -49.77 18.15 -1.11
CA MET J 72 -49.41 19.29 -1.95
C MET J 72 -48.93 20.47 -1.10
N GLU J 73 -49.61 20.74 0.00
CA GLU J 73 -49.17 21.83 0.87
C GLU J 73 -47.76 21.58 1.41
N ASP J 74 -47.45 20.33 1.73
CA ASP J 74 -46.12 20.00 2.28
C ASP J 74 -45.02 20.15 1.24
N VAL J 75 -45.22 19.61 0.03
CA VAL J 75 -44.19 19.77 -0.98
C VAL J 75 -44.06 21.23 -1.41
N ALA J 76 -45.17 21.98 -1.42
CA ALA J 76 -45.10 23.40 -1.76
C ALA J 76 -44.25 24.15 -0.75
N ALA J 77 -44.49 23.92 0.54
CA ALA J 77 -43.67 24.52 1.58
C ALA J 77 -42.21 24.11 1.43
N TYR J 78 -41.97 22.82 1.14
CA TYR J 78 -40.60 22.36 0.93
C TYR J 78 -39.93 23.09 -0.23
N VAL J 79 -40.63 23.23 -1.35
CA VAL J 79 -40.04 23.88 -2.53
C VAL J 79 -39.70 25.34 -2.21
N LEU J 80 -40.65 26.06 -1.61
CA LEU J 80 -40.42 27.47 -1.33
C LEU J 80 -39.33 27.66 -0.30
N ASP J 81 -39.25 26.75 0.68
CA ASP J 81 -38.17 26.81 1.66
C ASP J 81 -36.81 26.53 1.02
N GLN J 82 -36.73 25.55 0.12
CA GLN J 82 -35.46 25.29 -0.58
C GLN J 82 -35.06 26.48 -1.46
N ALA J 83 -36.02 27.05 -2.20
CA ALA J 83 -35.74 28.24 -3.01
C ALA J 83 -35.19 29.37 -2.15
N GLU J 84 -35.80 29.58 -0.98
CA GLU J 84 -35.34 30.63 -0.07
C GLU J 84 -33.90 30.38 0.36
N LYS J 85 -33.53 29.12 0.59
CA LYS J 85 -32.18 28.77 1.03
C LYS J 85 -31.19 28.54 -0.10
N GLY J 86 -31.65 28.46 -1.35
CA GLY J 86 -30.73 28.29 -2.47
C GLY J 86 -30.49 26.87 -2.96
N TRP J 87 -31.40 25.93 -2.69
CA TRP J 87 -31.29 24.53 -3.13
C TRP J 87 -29.91 23.92 -2.83
N GLY K 1 -32.17 0.17 -15.53
CA GLY K 1 -31.77 1.25 -16.42
C GLY K 1 -31.19 2.47 -15.73
N SER K 2 -30.67 3.39 -16.55
CA SER K 2 -30.12 4.63 -16.01
C SER K 2 -31.20 5.45 -15.31
N ALA K 3 -32.41 5.47 -15.86
CA ALA K 3 -33.48 6.25 -15.25
C ALA K 3 -33.91 5.64 -13.93
N ASP K 4 -33.90 4.31 -13.84
CA ASP K 4 -34.27 3.65 -12.59
C ASP K 4 -33.29 3.99 -11.48
N LEU K 5 -31.99 3.98 -11.78
CA LEU K 5 -30.98 4.33 -10.79
C LEU K 5 -31.10 5.78 -10.36
N ALA K 6 -31.31 6.70 -11.31
CA ALA K 6 -31.49 8.10 -10.98
C ALA K 6 -32.74 8.32 -10.14
N HIS K 7 -33.79 7.53 -10.39
CA HIS K 7 -35.00 7.63 -9.58
C HIS K 7 -34.76 7.06 -8.19
N GLY K 8 -34.04 5.95 -8.10
CA GLY K 8 -33.71 5.40 -6.80
C GLY K 8 -32.83 6.34 -5.99
N LYS K 9 -31.95 7.06 -6.67
CA LYS K 9 -31.12 8.05 -5.97
C LYS K 9 -31.99 9.16 -5.37
N ALA K 10 -33.01 9.59 -6.12
CA ALA K 10 -33.94 10.60 -5.61
C ALA K 10 -34.77 10.08 -4.45
N ILE K 11 -35.30 8.86 -4.57
CA ILE K 11 -36.03 8.23 -3.46
C ILE K 11 -35.13 8.15 -2.22
N PHE K 12 -33.86 7.76 -2.42
CA PHE K 12 -32.94 7.64 -1.30
C PHE K 12 -32.73 8.99 -0.62
N ALA K 13 -32.54 10.05 -1.42
CA ALA K 13 -32.36 11.38 -0.82
C ALA K 13 -33.60 11.80 -0.04
N GLY K 14 -34.79 11.44 -0.52
CA GLY K 14 -36.00 11.89 0.13
C GLY K 14 -36.42 11.07 1.33
N ASN K 15 -35.90 9.85 1.49
CA ASN K 15 -36.42 8.91 2.48
C ASN K 15 -35.36 8.24 3.34
N CYS K 16 -34.10 8.17 2.91
CA CYS K 16 -33.07 7.39 3.56
C CYS K 16 -31.89 8.20 4.04
N ALA K 17 -31.57 9.32 3.39
CA ALA K 17 -30.33 10.03 3.69
C ALA K 17 -30.34 10.69 5.05
N ALA K 18 -31.51 10.84 5.69
CA ALA K 18 -31.54 11.36 7.04
C ALA K 18 -30.85 10.41 8.02
N CYS K 19 -30.85 9.11 7.75
CA CYS K 19 -30.14 8.16 8.59
C CYS K 19 -28.95 7.49 7.92
N HIS K 20 -28.85 7.53 6.58
CA HIS K 20 -27.79 6.81 5.87
C HIS K 20 -27.01 7.72 4.93
N ASN K 21 -26.82 8.98 5.30
CA ASN K 21 -26.06 9.91 4.47
C ASN K 21 -24.68 9.34 4.17
N GLY K 22 -24.30 9.36 2.89
CA GLY K 22 -23.04 8.78 2.46
C GLY K 22 -22.92 7.28 2.61
N GLY K 23 -24.03 6.57 2.77
CA GLY K 23 -23.96 5.14 3.00
C GLY K 23 -23.66 4.72 4.43
N LEU K 24 -23.63 5.66 5.37
CA LEU K 24 -23.27 5.35 6.74
C LEU K 24 -24.52 4.96 7.55
N ASN K 25 -24.34 4.76 8.86
CA ASN K 25 -25.48 4.43 9.73
C ASN K 25 -25.12 4.99 11.12
N ALA K 26 -25.42 6.27 11.31
CA ALA K 26 -25.08 6.94 12.57
C ALA K 26 -25.70 6.23 13.76
N ILE K 27 -26.95 5.79 13.63
CA ILE K 27 -27.64 5.12 14.73
C ILE K 27 -26.97 3.80 15.09
N ASN K 28 -26.64 2.98 14.09
CA ASN K 28 -26.00 1.69 14.31
C ASN K 28 -24.77 1.59 13.42
N PRO K 29 -23.61 2.08 13.88
CA PRO K 29 -22.44 2.18 12.99
C PRO K 29 -21.90 0.84 12.52
N SER K 30 -22.35 -0.27 13.09
CA SER K 30 -21.93 -1.58 12.58
C SER K 30 -22.77 -2.03 11.40
N LYS K 31 -23.81 -1.30 11.01
CA LYS K 31 -24.70 -1.75 9.94
C LYS K 31 -24.85 -0.66 8.88
N THR K 32 -23.73 -0.31 8.25
CA THR K 32 -23.74 0.68 7.20
C THR K 32 -24.23 0.06 5.89
N LEU K 33 -24.31 0.88 4.84
CA LEU K 33 -24.63 0.39 3.52
C LEU K 33 -23.39 0.17 2.67
N LYS K 34 -22.20 0.12 3.29
CA LYS K 34 -21.03 -0.39 2.59
C LYS K 34 -21.24 -1.85 2.23
N MET K 35 -20.70 -2.27 1.08
CA MET K 35 -20.94 -3.63 0.61
C MET K 35 -20.49 -4.68 1.63
N ALA K 36 -19.33 -4.46 2.27
CA ALA K 36 -18.85 -5.43 3.26
C ALA K 36 -19.85 -5.61 4.40
N ASP K 37 -20.43 -4.51 4.90
CA ASP K 37 -21.44 -4.63 5.97
C ASP K 37 -22.72 -5.29 5.46
N LEU K 38 -23.18 -4.91 4.26
CA LEU K 38 -24.34 -5.59 3.68
C LEU K 38 -24.07 -7.09 3.56
N GLU K 39 -22.88 -7.45 3.07
CA GLU K 39 -22.55 -8.86 2.92
C GLU K 39 -22.61 -9.58 4.26
N ALA K 40 -22.00 -8.99 5.29
CA ALA K 40 -21.95 -9.61 6.61
C ALA K 40 -23.34 -9.81 7.22
N ASN K 41 -24.31 -8.99 6.85
CA ASN K 41 -25.64 -9.08 7.43
C ASN K 41 -26.66 -9.71 6.48
N GLY K 42 -26.21 -10.29 5.37
CA GLY K 42 -27.16 -10.91 4.45
C GLY K 42 -28.13 -9.93 3.82
N LYS K 43 -27.72 -8.67 3.69
CA LYS K 43 -28.56 -7.64 3.11
C LYS K 43 -28.07 -7.19 1.74
N ASN K 44 -27.15 -7.92 1.12
CA ASN K 44 -26.60 -7.53 -0.17
C ASN K 44 -27.43 -8.10 -1.33
N SER K 45 -28.72 -7.76 -1.35
CA SER K 45 -29.61 -8.19 -2.43
C SER K 45 -30.84 -7.28 -2.46
N VAL K 46 -31.51 -7.26 -3.62
CA VAL K 46 -32.73 -6.46 -3.76
C VAL K 46 -33.80 -6.94 -2.80
N ALA K 47 -34.09 -8.24 -2.79
CA ALA K 47 -35.15 -8.77 -1.93
C ALA K 47 -34.92 -8.40 -0.48
N ALA K 48 -33.68 -8.55 0.00
CA ALA K 48 -33.38 -8.27 1.41
C ALA K 48 -33.51 -6.79 1.73
N ILE K 49 -33.07 -5.92 0.83
CA ILE K 49 -33.22 -4.48 1.08
C ILE K 49 -34.69 -4.08 1.02
N VAL K 50 -35.43 -4.62 0.05
CA VAL K 50 -36.86 -4.27 -0.05
C VAL K 50 -37.60 -4.72 1.21
N ALA K 51 -37.23 -5.89 1.75
CA ALA K 51 -37.86 -6.36 2.98
C ALA K 51 -37.52 -5.46 4.16
N GLN K 52 -36.25 -5.06 4.26
CA GLN K 52 -35.83 -4.10 5.28
C GLN K 52 -36.63 -2.82 5.18
N ILE K 53 -36.79 -2.29 3.96
CA ILE K 53 -37.54 -1.06 3.76
C ILE K 53 -39.01 -1.28 4.13
N THR K 54 -39.58 -2.41 3.69
CA THR K 54 -41.01 -2.62 3.87
C THR K 54 -41.38 -2.73 5.34
N ASN K 55 -40.68 -3.59 6.07
CA ASN K 55 -41.08 -3.94 7.43
C ASN K 55 -40.30 -3.20 8.50
N GLY K 56 -39.19 -2.55 8.14
CA GLY K 56 -38.32 -1.97 9.13
C GLY K 56 -37.60 -3.05 9.92
N ASN K 57 -36.76 -2.59 10.84
CA ASN K 57 -35.92 -3.47 11.63
C ASN K 57 -35.23 -2.68 12.72
N GLY K 58 -35.43 -3.05 13.98
CA GLY K 58 -34.83 -2.30 15.07
C GLY K 58 -35.28 -0.84 15.04
N ALA K 59 -34.29 0.07 15.05
CA ALA K 59 -34.58 1.49 14.99
C ALA K 59 -34.84 2.00 13.58
N MET K 60 -34.84 1.13 12.57
CA MET K 60 -35.25 1.59 11.25
C MET K 60 -36.75 1.36 11.08
N PRO K 61 -37.51 2.37 10.65
CA PRO K 61 -38.95 2.17 10.49
C PRO K 61 -39.29 1.53 9.15
N GLY K 62 -40.50 0.99 9.08
CA GLY K 62 -41.02 0.51 7.82
C GLY K 62 -41.56 1.63 6.96
N PHE K 63 -41.63 1.37 5.65
CA PHE K 63 -42.13 2.32 4.68
C PHE K 63 -43.30 1.77 3.88
N LYS K 64 -43.88 0.64 4.29
CA LYS K 64 -45.07 0.13 3.61
C LYS K 64 -46.13 1.21 3.54
N GLY K 65 -46.69 1.43 2.35
CA GLY K 65 -47.64 2.49 2.13
C GLY K 65 -47.06 3.87 1.93
N ARG K 66 -45.77 4.08 2.21
CA ARG K 66 -45.14 5.38 1.99
C ARG K 66 -44.21 5.39 0.77
N ILE K 67 -43.73 4.23 0.35
CA ILE K 67 -42.93 4.08 -0.86
C ILE K 67 -43.52 2.91 -1.63
N SER K 68 -43.77 3.11 -2.93
CA SER K 68 -44.34 2.05 -3.74
C SER K 68 -43.36 0.89 -3.90
N ASP K 69 -43.89 -0.26 -4.29
CA ASP K 69 -43.04 -1.42 -4.54
C ASP K 69 -42.02 -1.12 -5.63
N SER K 70 -42.44 -0.44 -6.70
CA SER K 70 -41.52 -0.10 -7.78
C SER K 70 -40.45 0.89 -7.33
N ASP K 71 -40.82 1.87 -6.49
CA ASP K 71 -39.80 2.79 -5.98
C ASP K 71 -38.86 2.08 -5.00
N MET K 72 -39.36 1.10 -4.24
CA MET K 72 -38.49 0.33 -3.36
C MET K 72 -37.49 -0.49 -4.17
N GLU K 73 -37.92 -1.03 -5.31
CA GLU K 73 -37.00 -1.72 -6.19
C GLU K 73 -35.91 -0.78 -6.69
N ASP K 74 -36.28 0.46 -7.06
CA ASP K 74 -35.30 1.41 -7.57
C ASP K 74 -34.31 1.85 -6.50
N VAL K 75 -34.79 2.14 -5.28
CA VAL K 75 -33.86 2.57 -4.24
C VAL K 75 -32.94 1.40 -3.83
N ALA K 76 -33.44 0.16 -3.87
CA ALA K 76 -32.56 -0.97 -3.58
C ALA K 76 -31.47 -1.10 -4.64
N ALA K 77 -31.83 -0.92 -5.91
CA ALA K 77 -30.82 -0.96 -6.97
C ALA K 77 -29.79 0.14 -6.80
N TYR K 78 -30.25 1.34 -6.41
CA TYR K 78 -29.32 2.43 -6.17
C TYR K 78 -28.34 2.11 -5.04
N VAL K 79 -28.86 1.58 -3.92
CA VAL K 79 -27.99 1.26 -2.78
C VAL K 79 -26.93 0.24 -3.17
N LEU K 80 -27.34 -0.81 -3.87
CA LEU K 80 -26.40 -1.85 -4.28
C LEU K 80 -25.36 -1.30 -5.27
N ASP K 81 -25.79 -0.43 -6.18
CA ASP K 81 -24.87 0.19 -7.13
C ASP K 81 -23.85 1.07 -6.41
N GLN K 82 -24.29 1.90 -5.46
CA GLN K 82 -23.34 2.69 -4.70
C GLN K 82 -22.45 1.81 -3.84
N ALA K 83 -23.02 0.79 -3.20
CA ALA K 83 -22.21 -0.15 -2.42
C ALA K 83 -21.13 -0.78 -3.27
N GLU K 84 -21.48 -1.20 -4.50
CA GLU K 84 -20.51 -1.88 -5.34
C GLU K 84 -19.44 -0.92 -5.86
N LYS K 85 -19.85 0.33 -6.14
CA LYS K 85 -18.90 1.32 -6.65
C LYS K 85 -18.10 1.98 -5.55
N GLY K 86 -18.61 1.98 -4.32
CA GLY K 86 -18.08 2.81 -3.26
C GLY K 86 -18.91 4.07 -3.13
N TRP K 87 -19.36 4.36 -1.92
CA TRP K 87 -20.20 5.53 -1.67
C TRP K 87 -19.43 6.83 -1.80
N GLY L 1 -34.43 7.08 43.38
CA GLY L 1 -33.06 7.15 43.86
C GLY L 1 -32.10 6.33 43.02
N SER L 2 -31.07 5.78 43.68
CA SER L 2 -30.01 5.08 42.97
C SER L 2 -30.54 3.89 42.18
N ALA L 3 -31.47 3.13 42.75
CA ALA L 3 -31.94 1.91 42.09
C ALA L 3 -32.79 2.23 40.86
N ASP L 4 -33.72 3.19 40.97
CA ASP L 4 -34.52 3.57 39.80
C ASP L 4 -33.63 4.11 38.69
N LEU L 5 -32.64 4.94 39.04
CA LEU L 5 -31.73 5.49 38.05
C LEU L 5 -30.94 4.40 37.35
N ALA L 6 -30.46 3.41 38.11
CA ALA L 6 -29.69 2.33 37.49
C ALA L 6 -30.58 1.50 36.57
N HIS L 7 -31.83 1.24 36.98
CA HIS L 7 -32.77 0.54 36.12
C HIS L 7 -33.11 1.38 34.88
N GLY L 8 -33.35 2.67 35.06
CA GLY L 8 -33.60 3.53 33.91
C GLY L 8 -32.41 3.57 32.97
N LYS L 9 -31.20 3.54 33.53
CA LYS L 9 -30.00 3.54 32.70
C LYS L 9 -29.93 2.32 31.79
N ALA L 10 -30.33 1.15 32.31
CA ALA L 10 -30.27 -0.06 31.50
C ALA L 10 -31.38 -0.08 30.45
N ILE L 11 -32.57 0.39 30.81
CA ILE L 11 -33.64 0.50 29.81
C ILE L 11 -33.24 1.47 28.71
N PHE L 12 -32.60 2.57 29.09
CA PHE L 12 -32.10 3.54 28.11
C PHE L 12 -31.10 2.89 27.17
N ALA L 13 -30.16 2.11 27.72
CA ALA L 13 -29.18 1.44 26.89
C ALA L 13 -29.83 0.53 25.85
N GLY L 14 -30.94 -0.12 26.22
CA GLY L 14 -31.56 -1.07 25.32
C GLY L 14 -32.54 -0.45 24.34
N ASN L 15 -33.04 0.75 24.62
CA ASN L 15 -34.11 1.32 23.83
C ASN L 15 -33.81 2.71 23.25
N CYS L 16 -32.84 3.43 23.78
CA CYS L 16 -32.71 4.85 23.45
C CYS L 16 -31.31 5.20 23.00
N ALA L 17 -30.31 4.44 23.46
CA ALA L 17 -28.92 4.86 23.30
C ALA L 17 -28.42 4.78 21.87
N ALA L 18 -29.02 3.95 21.03
CA ALA L 18 -28.59 3.93 19.62
C ALA L 18 -28.87 5.26 18.95
N CYS L 19 -30.02 5.87 19.26
CA CYS L 19 -30.38 7.15 18.67
C CYS L 19 -29.93 8.33 19.54
N HIS L 20 -29.79 8.14 20.85
CA HIS L 20 -29.44 9.21 21.78
C HIS L 20 -28.14 8.88 22.52
N ASN L 21 -27.14 8.40 21.79
CA ASN L 21 -25.89 8.00 22.42
C ASN L 21 -25.28 9.17 23.17
N GLY L 22 -25.03 8.99 24.46
CA GLY L 22 -24.47 10.06 25.26
C GLY L 22 -25.37 11.26 25.43
N GLY L 23 -26.68 11.09 25.26
CA GLY L 23 -27.58 12.21 25.38
C GLY L 23 -27.70 13.07 24.15
N LEU L 24 -27.08 12.68 23.03
CA LEU L 24 -27.11 13.44 21.79
C LEU L 24 -28.31 12.99 20.96
N ASN L 25 -28.28 13.22 19.65
CA ASN L 25 -29.35 12.79 18.77
C ASN L 25 -28.76 12.57 17.38
N ALA L 26 -28.62 11.30 17.00
CA ALA L 26 -27.94 10.97 15.74
C ALA L 26 -28.69 11.50 14.53
N ILE L 27 -30.02 11.43 14.56
CA ILE L 27 -30.83 11.84 13.40
C ILE L 27 -30.96 13.35 13.32
N ASN L 28 -31.14 14.01 14.46
CA ASN L 28 -31.62 15.39 14.51
C ASN L 28 -30.80 16.11 15.57
N PRO L 29 -29.66 16.70 15.18
CA PRO L 29 -28.72 17.25 16.18
C PRO L 29 -29.29 18.39 16.99
N SER L 30 -30.42 18.97 16.59
CA SER L 30 -31.02 20.06 17.34
C SER L 30 -31.89 19.59 18.51
N LYS L 31 -32.19 18.29 18.59
CA LYS L 31 -33.09 17.78 19.62
C LYS L 31 -32.39 16.77 20.50
N THR L 32 -31.35 17.20 21.23
CA THR L 32 -30.63 16.28 22.09
C THR L 32 -31.36 16.14 23.43
N LEU L 33 -30.82 15.29 24.31
CA LEU L 33 -31.30 15.21 25.68
C LEU L 33 -30.51 16.10 26.62
N LYS L 34 -29.74 17.05 26.09
CA LYS L 34 -29.16 18.09 26.95
C LYS L 34 -30.27 18.92 27.59
N MET L 35 -30.06 19.35 28.84
CA MET L 35 -31.13 20.05 29.54
C MET L 35 -31.63 21.26 28.76
N ALA L 36 -30.73 21.99 28.11
CA ALA L 36 -31.14 23.23 27.45
C ALA L 36 -31.97 22.94 26.20
N ASP L 37 -31.64 21.87 25.48
CA ASP L 37 -32.50 21.47 24.35
C ASP L 37 -33.87 21.03 24.84
N LEU L 38 -33.91 20.18 25.87
CA LEU L 38 -35.19 19.83 26.49
C LEU L 38 -35.97 21.07 26.90
N GLU L 39 -35.30 22.01 27.58
CA GLU L 39 -35.98 23.22 28.00
C GLU L 39 -36.51 24.01 26.81
N ALA L 40 -35.69 24.16 25.76
CA ALA L 40 -36.11 24.94 24.60
C ALA L 40 -37.34 24.34 23.92
N ASN L 41 -37.56 23.04 24.07
CA ASN L 41 -38.66 22.36 23.40
C ASN L 41 -39.80 22.02 24.35
N GLY L 42 -39.78 22.54 25.58
CA GLY L 42 -40.82 22.26 26.54
C GLY L 42 -40.85 20.82 26.99
N LYS L 43 -39.72 20.13 26.95
CA LYS L 43 -39.67 18.71 27.27
C LYS L 43 -38.85 18.42 28.52
N ASN L 44 -38.47 19.45 29.29
CA ASN L 44 -37.67 19.20 30.49
C ASN L 44 -38.58 18.91 31.68
N SER L 45 -39.23 17.74 31.63
CA SER L 45 -40.03 17.28 32.77
C SER L 45 -40.28 15.77 32.61
N VAL L 46 -40.58 15.13 33.74
CA VAL L 46 -40.93 13.70 33.70
C VAL L 46 -42.12 13.48 32.77
N ALA L 47 -43.19 14.25 32.99
CA ALA L 47 -44.42 14.08 32.22
C ALA L 47 -44.16 14.24 30.72
N ALA L 48 -43.37 15.24 30.33
CA ALA L 48 -43.11 15.43 28.89
C ALA L 48 -42.27 14.29 28.31
N ILE L 49 -41.28 13.82 29.05
CA ILE L 49 -40.44 12.76 28.53
C ILE L 49 -41.23 11.45 28.44
N VAL L 50 -42.09 11.17 29.42
CA VAL L 50 -42.94 9.98 29.35
C VAL L 50 -43.87 10.07 28.15
N ALA L 51 -44.50 11.22 27.92
CA ALA L 51 -45.36 11.37 26.75
C ALA L 51 -44.57 11.17 25.46
N GLN L 52 -43.36 11.71 25.40
CA GLN L 52 -42.52 11.53 24.21
C GLN L 52 -42.18 10.05 23.99
N ILE L 53 -41.82 9.33 25.06
CA ILE L 53 -41.55 7.90 24.95
C ILE L 53 -42.79 7.18 24.48
N THR L 54 -43.94 7.49 25.09
CA THR L 54 -45.19 6.81 24.79
C THR L 54 -45.60 7.00 23.34
N ASN L 55 -45.59 8.24 22.85
CA ASN L 55 -46.17 8.56 21.55
C ASN L 55 -45.17 8.84 20.45
N GLY L 56 -43.90 9.07 20.78
CA GLY L 56 -42.98 9.48 19.75
C GLY L 56 -43.37 10.83 19.13
N ASN L 57 -42.61 11.19 18.10
CA ASN L 57 -42.73 12.47 17.43
C ASN L 57 -41.74 12.52 16.28
N GLY L 58 -42.17 12.98 15.10
CA GLY L 58 -41.28 13.03 13.96
C GLY L 58 -40.65 11.67 13.67
N ALA L 59 -39.34 11.69 13.41
CA ALA L 59 -38.58 10.48 13.20
C ALA L 59 -38.39 9.63 14.47
N MET L 60 -38.97 10.01 15.61
CA MET L 60 -38.85 9.18 16.81
C MET L 60 -40.10 8.32 16.96
N PRO L 61 -39.98 7.00 16.98
CA PRO L 61 -41.15 6.14 17.17
C PRO L 61 -41.61 6.11 18.62
N GLY L 62 -42.88 5.74 18.79
CA GLY L 62 -43.43 5.56 20.13
C GLY L 62 -43.14 4.19 20.70
N PHE L 63 -43.24 4.10 22.03
CA PHE L 63 -42.98 2.85 22.74
C PHE L 63 -44.18 2.38 23.54
N LYS L 64 -45.36 2.94 23.28
CA LYS L 64 -46.56 2.50 23.98
C LYS L 64 -46.74 0.99 23.82
N GLY L 65 -46.95 0.30 24.94
CA GLY L 65 -47.08 -1.13 24.92
C GLY L 65 -45.78 -1.91 24.85
N ARG L 66 -44.65 -1.25 24.60
CA ARG L 66 -43.36 -1.92 24.61
C ARG L 66 -42.52 -1.62 25.84
N ILE L 67 -42.76 -0.50 26.52
CA ILE L 67 -42.11 -0.19 27.78
C ILE L 67 -43.20 0.15 28.79
N SER L 68 -43.16 -0.50 29.95
CA SER L 68 -44.21 -0.28 30.95
C SER L 68 -44.18 1.16 31.46
N ASP L 69 -45.30 1.57 32.07
CA ASP L 69 -45.40 2.90 32.63
C ASP L 69 -44.30 3.18 33.64
N SER L 70 -44.11 2.27 34.61
CA SER L 70 -43.12 2.50 35.65
C SER L 70 -41.71 2.48 35.10
N ASP L 71 -41.47 1.69 34.04
CA ASP L 71 -40.16 1.72 33.38
C ASP L 71 -39.92 3.03 32.65
N MET L 72 -40.97 3.62 32.05
CA MET L 72 -40.83 4.92 31.42
C MET L 72 -40.49 6.00 32.43
N GLU L 73 -41.08 5.91 33.63
CA GLU L 73 -40.72 6.80 34.73
C GLU L 73 -39.26 6.61 35.14
N ASP L 74 -38.77 5.38 35.15
CA ASP L 74 -37.36 5.16 35.49
C ASP L 74 -36.45 5.78 34.44
N VAL L 75 -36.80 5.64 33.16
CA VAL L 75 -36.01 6.22 32.08
C VAL L 75 -36.03 7.74 32.15
N ALA L 76 -37.21 8.31 32.41
CA ALA L 76 -37.32 9.77 32.45
C ALA L 76 -36.43 10.34 33.56
N ALA L 77 -36.42 9.69 34.73
CA ALA L 77 -35.60 10.15 35.84
C ALA L 77 -34.12 10.05 35.50
N TYR L 78 -33.74 8.97 34.83
CA TYR L 78 -32.36 8.81 34.37
C TYR L 78 -31.97 9.92 33.42
N VAL L 79 -32.83 10.23 32.44
CA VAL L 79 -32.51 11.25 31.44
C VAL L 79 -32.29 12.60 32.12
N LEU L 80 -33.20 12.98 33.01
CA LEU L 80 -33.09 14.30 33.64
C LEU L 80 -31.92 14.37 34.61
N ASP L 81 -31.60 13.27 35.30
CA ASP L 81 -30.43 13.23 36.16
C ASP L 81 -29.15 13.45 35.32
N GLN L 82 -29.05 12.73 34.20
CA GLN L 82 -27.90 12.93 33.31
C GLN L 82 -27.90 14.32 32.71
N ALA L 83 -29.08 14.83 32.31
CA ALA L 83 -29.14 16.17 31.73
C ALA L 83 -28.68 17.22 32.75
N GLU L 84 -29.02 17.03 34.02
CA GLU L 84 -28.65 18.00 35.05
C GLU L 84 -27.15 17.95 35.33
N LYS L 85 -26.58 16.75 35.36
CA LYS L 85 -25.15 16.60 35.56
C LYS L 85 -24.34 16.98 34.33
N GLY L 86 -24.97 17.04 33.17
CA GLY L 86 -24.23 17.10 31.93
C GLY L 86 -23.86 15.68 31.59
N TRP L 87 -24.19 15.25 30.40
CA TRP L 87 -24.10 13.84 30.05
C TRP L 87 -22.67 13.31 30.05
FE HEC M . 3.10 -2.69 -18.10
CHA HEC M . 5.37 -2.88 -20.66
CHB HEC M . 5.47 -3.71 -15.89
CHC HEC M . 0.90 -2.11 -15.48
CHD HEC M . 0.54 -2.17 -20.28
NA HEC M . 5.08 -3.20 -18.25
C1A HEC M . 5.82 -3.25 -19.41
C2A HEC M . 7.15 -3.73 -19.07
C3A HEC M . 7.18 -3.96 -17.75
C4A HEC M . 5.86 -3.63 -17.21
CMA HEC M . 8.38 -4.48 -16.92
CAA HEC M . 8.29 -3.95 -20.12
CBA HEC M . 8.05 -5.36 -20.68
CGA HEC M . 9.06 -5.82 -21.71
O1A HEC M . 8.98 -7.00 -22.17
O2A HEC M . 9.98 -5.06 -22.09
NB HEC M . 3.15 -2.88 -16.10
C1B HEC M . 4.25 -3.29 -15.37
C2B HEC M . 3.93 -3.22 -13.98
C3B HEC M . 2.66 -2.81 -13.86
C4B HEC M . 2.17 -2.55 -15.18
CMB HEC M . 4.87 -3.66 -12.83
CAB HEC M . 1.86 -2.58 -12.56
CBB HEC M . 2.44 -1.39 -11.75
NC HEC M . 1.05 -2.26 -17.92
C1C HEC M . 0.38 -1.98 -16.75
C2C HEC M . -0.89 -1.38 -17.09
C3C HEC M . -1.05 -1.50 -18.43
C4C HEC M . 0.21 -1.99 -18.96
CMC HEC M . -1.97 -1.09 -16.02
CAC HEC M . -2.28 -1.15 -19.32
CBC HEC M . -3.02 0.17 -19.03
ND HEC M . 2.98 -2.57 -20.12
C1D HEC M . 1.80 -2.27 -20.81
C2D HEC M . 2.09 -2.06 -22.19
C3D HEC M . 3.59 -2.27 -22.32
C4D HEC M . 4.07 -2.57 -20.99
CMD HEC M . 1.10 -1.69 -23.31
CAD HEC M . 4.39 -2.11 -23.62
CBD HEC M . 4.70 -0.62 -23.66
CGD HEC M . 5.44 -0.20 -24.91
O1D HEC M . 5.73 -1.06 -25.78
O2D HEC M . 5.75 1.01 -25.06
S SO4 N . 7.37 -18.34 -18.70
O1 SO4 N . 8.63 -18.24 -19.44
O2 SO4 N . 7.28 -19.67 -18.09
O3 SO4 N . 7.31 -17.33 -17.65
O4 SO4 N . 6.23 -18.15 -19.59
S SO4 O . 0.97 8.83 -17.80
O1 SO4 O . 2.26 8.56 -18.44
O2 SO4 O . 1.19 9.52 -16.52
O3 SO4 O . 0.13 9.64 -18.68
O4 SO4 O . 0.27 7.58 -17.53
I IOD P . -3.04 -1.84 -4.56
I IOD Q . 2.44 0.21 -26.77
I IOD R . 8.11 -1.06 -23.04
FE HEC S . -12.37 1.51 -23.73
CHA HEC S . -14.39 0.46 -21.14
CHB HEC S . -15.10 2.67 -25.41
CHC HEC S . -10.33 2.98 -26.09
CHD HEC S . -9.68 -0.04 -22.36
NA HEC S . -14.37 1.57 -23.35
C1A HEC S . -14.99 1.03 -22.23
C2A HEC S . -16.42 1.17 -22.42
C3A HEC S . -16.63 1.79 -23.58
C4A HEC S . -15.34 2.06 -24.19
CMA HEC S . -18.00 2.15 -24.21
CAA HEC S . -17.47 0.65 -21.40
CBA HEC S . -17.82 -0.79 -21.84
CGA HEC S . -18.79 -1.48 -20.90
O1A HEC S . -19.15 -2.66 -21.12
O2A HEC S . -19.22 -0.85 -19.91
NB HEC S . -12.64 2.61 -25.41
C1B HEC S . -13.87 2.99 -25.94
C2B HEC S . -13.63 3.80 -27.11
C3B HEC S . -12.32 3.85 -27.31
C4B HEC S . -11.68 3.15 -26.24
CMB HEC S . -14.75 4.34 -28.01
CAB HEC S . -11.55 4.58 -28.46
CBB HEC S . -11.78 6.10 -28.39
NC HEC S . -10.37 1.44 -24.17
C1C HEC S . -9.72 2.17 -25.13
C2C HEC S . -8.30 1.96 -25.00
C3C HEC S . -8.10 1.17 -23.92
C4C HEC S . -9.41 0.80 -23.42
CMC HEC S . -7.27 2.69 -25.90
CAC HEC S . -6.78 0.59 -23.35
CBC HEC S . -5.55 1.50 -23.20
ND HEC S . -12.10 0.37 -22.05
C1D HEC S . -10.85 -0.09 -21.65
C2D HEC S . -10.96 -0.66 -20.31
C3D HEC S . -12.42 -0.50 -19.93
C4D HEC S . -13.05 0.14 -21.05
CMD HEC S . -9.86 -1.29 -19.45
CAD HEC S . -13.05 -0.94 -18.58
CBD HEC S . -12.82 0.26 -17.65
CGD HEC S . -13.09 -0.02 -16.18
O1D HEC S . -13.45 -1.16 -15.82
O2D HEC S . -12.95 0.92 -15.36
S SO4 T . -24.15 12.49 -42.95
O1 SO4 T . -24.04 11.64 -44.14
O2 SO4 T . -23.47 11.82 -41.85
O3 SO4 T . -23.53 13.79 -43.20
O4 SO4 T . -25.56 12.68 -42.61
S SO4 U . -21.61 -9.78 -30.46
O1 SO4 U . -20.22 -10.04 -30.81
O2 SO4 U . -21.91 -10.36 -29.14
O3 SO4 U . -21.80 -8.33 -30.45
O4 SO4 U . -22.47 -10.39 -31.46
S SO4 V . -5.97 9.86 -18.41
O1 SO4 V . -4.88 10.41 -19.21
O2 SO4 V . -5.72 10.04 -16.99
O3 SO4 V . -7.22 10.54 -18.76
O4 SO4 V . -6.09 8.44 -18.67
I IOD W . -9.76 -2.08 -15.65
FE HEC X . -5.07 -9.14 14.34
CHA HEC X . -7.42 -10.32 16.56
CHB HEC X . -7.49 -7.95 12.31
CHC HEC X . -2.65 -7.68 12.44
CHD HEC X . -2.58 -10.87 16.08
NA HEC X . -7.08 -9.13 14.41
C1A HEC X . -7.85 -9.71 15.40
C2A HEC X . -9.26 -9.55 15.01
C3A HEC X . -9.28 -8.89 13.83
C4A HEC X . -7.91 -8.62 13.44
CMA HEC X . -10.55 -8.49 13.03
CAA HEC X . -10.45 -10.07 15.83
CBA HEC X . -10.71 -11.52 15.37
CGA HEC X . -11.84 -12.22 16.08
O1A HEC X . -12.24 -13.33 15.62
O2A HEC X . -12.38 -11.71 17.08
NB HEC X . -5.06 -8.03 12.73
C1B HEC X . -6.19 -7.63 12.01
C2B HEC X . -5.76 -6.80 10.92
C3B HEC X . -4.43 -6.75 10.93
C4B HEC X . -3.97 -7.49 12.08
CMB HEC X . -6.70 -6.21 9.85
CAB HEC X . -3.52 -5.99 9.94
CBB HEC X . -3.70 -4.46 10.13
NC HEC X . -2.99 -9.31 14.25
C1C HEC X . -2.21 -8.52 13.43
C2C HEC X . -0.82 -8.73 13.80
C3C HEC X . -0.79 -9.59 14.84
C4C HEC X . -2.16 -9.98 15.12
CMC HEC X . 0.33 -7.96 13.10
CAC HEC X . 0.42 -10.21 15.61
CBC HEC X . 1.60 -9.30 16.00
ND HEC X . -5.01 -10.40 16.01
C1D HEC X . -3.84 -10.91 16.61
C2D HEC X . -4.16 -11.48 17.89
C3D HEC X . -5.67 -11.30 18.03
C4D HEC X . -6.10 -10.63 16.85
CMD HEC X . -3.20 -12.12 18.91
CAD HEC X . -6.49 -11.73 19.26
CBD HEC X . -6.27 -10.57 20.22
CGD HEC X . -6.87 -10.82 21.58
O1D HEC X . -7.45 -11.91 21.78
O2D HEC X . -6.78 -9.93 22.47
S SO4 Y . -13.18 -19.96 5.79
O1 SO4 Y . -12.55 -18.69 5.46
O2 SO4 Y . -12.25 -20.83 6.50
O3 SO4 Y . -14.35 -19.68 6.61
O4 SO4 Y . -13.63 -20.62 4.56
S SO4 Z . 0.75 -1.54 20.97
O1 SO4 Z . 1.90 -1.43 20.09
O2 SO4 Z . 0.68 -2.91 21.50
O3 SO4 Z . 0.89 -0.60 22.09
O4 SO4 Z . -0.47 -1.21 20.23
I IOD AA . -3.83 -12.91 22.60
FE HEC BA . 10.17 -13.76 19.25
CHA HEC BA . 11.87 -14.43 16.35
CHB HEC BA . 12.85 -14.73 21.04
CHC HEC BA . 8.58 -12.68 22.17
CHD HEC BA . 7.27 -13.41 17.55
NA HEC BA . 12.02 -14.47 18.78
C1A HEC BA . 12.51 -14.71 17.53
C2A HEC BA . 13.86 -15.26 17.66
C3A HEC BA . 14.13 -15.33 18.95
C4A HEC BA . 12.97 -14.83 19.69
CMA HEC BA . 15.44 -15.85 19.57
CAA HEC BA . 14.76 -15.68 16.47
CBA HEC BA . 14.39 -17.13 16.14
CGA HEC BA . 15.10 -17.72 14.92
O1A HEC BA . 14.99 -18.95 14.67
O2A HEC BA . 15.77 -16.97 14.19
NB HEC BA . 10.58 -13.71 21.19
C1B HEC BA . 11.80 -14.15 21.73
C2B HEC BA . 11.81 -13.86 23.13
C3B HEC BA . 10.63 -13.32 23.46
C4B HEC BA . 9.85 -13.20 22.26
CMB HEC BA . 12.96 -14.25 24.09
CAB HEC BA . 10.14 -12.87 24.85
CBB HEC BA . 11.00 -11.70 25.40
NC HEC BA . 8.26 -13.19 19.78
C1C HEC BA . 7.84 -12.70 21.00
C2C HEC BA . 6.48 -12.23 20.85
C3C HEC BA . 6.12 -12.38 19.56
C4C HEC BA . 7.23 -13.03 18.88
CMC HEC BA . 5.73 -11.56 22.03
CAC HEC BA . 4.76 -12.09 18.84
CBC HEC BA . 3.97 -10.82 19.16
ND HEC BA . 9.67 -13.94 17.29
C1D HEC BA . 8.39 -13.65 16.81
C2D HEC BA . 8.41 -13.56 15.37
C3D HEC BA . 9.85 -13.88 14.98
C4D HEC BA . 10.55 -14.09 16.22
CMD HEC BA . 7.24 -13.25 14.42
CAD HEC BA . 10.40 -13.89 13.52
CBD HEC BA . 10.67 -12.41 13.23
CGD HEC BA . 11.03 -12.16 11.77
O1D HEC BA . 11.11 -13.12 10.98
O2D HEC BA . 11.22 -11.00 11.39
S SO4 CA . 13.25 -29.43 19.79
O1 SO4 CA . 13.54 -29.49 18.34
O2 SO4 CA . 13.50 -30.76 20.34
O3 SO4 CA . 14.09 -28.46 20.46
O4 SO4 CA . 11.87 -29.02 20.00
S SO4 DA . 8.11 -2.19 18.18
O1 SO4 DA . 8.33 -0.94 17.47
O2 SO4 DA . 9.35 -2.59 18.84
O3 SO4 DA . 7.06 -2.01 19.19
O4 SO4 DA . 7.71 -3.22 17.22
I IOD EA . 7.32 -12.18 10.69
FE HEC FA . 39.58 -17.75 23.20
CHA HEC FA . 36.85 -18.44 21.33
CHB HEC FA . 38.80 -20.36 25.31
CHC HEC FA . 42.56 -17.34 24.81
CHD HEC FA . 40.08 -14.76 21.54
NA HEC FA . 38.11 -19.16 23.30
C1A HEC FA . 37.03 -19.22 22.44
C2A HEC FA . 36.13 -20.26 22.92
C3A HEC FA . 36.68 -20.79 24.03
C4A HEC FA . 37.91 -20.10 24.29
CMA HEC FA . 36.10 -21.93 24.91
CAA HEC FA . 34.79 -20.63 22.24
CBA HEC FA . 33.68 -19.84 22.95
CGA HEC FA . 32.29 -20.08 22.37
O1A HEC FA . 31.28 -19.56 22.93
O2A HEC FA . 32.17 -20.79 21.34
NB HEC FA . 40.50 -18.66 24.72
C1B HEC FA . 40.01 -19.72 25.47
C2B HEC FA . 41.05 -20.11 26.40
C3B HEC FA . 42.06 -19.26 26.29
C4B HEC FA . 41.76 -18.36 25.21
CMB HEC FA . 40.86 -21.22 27.46
CAB HEC FA . 43.38 -19.25 27.09
CBB HEC FA . 44.19 -20.55 26.82
NC HEC FA . 41.02 -16.28 23.22
C1C HEC FA . 42.22 -16.37 23.89
C2C HEC FA . 43.07 -15.25 23.48
C3C HEC FA . 42.38 -14.56 22.55
C4C HEC FA . 41.09 -15.18 22.39
CMC HEC FA . 44.50 -15.03 24.02
CAC HEC FA . 42.77 -13.25 21.80
CBC HEC FA . 44.20 -13.10 21.24
ND HEC FA . 38.60 -16.74 21.73
C1D HEC FA . 39.06 -15.58 21.10
C2D HEC FA . 38.29 -15.36 19.91
C3D HEC FA . 37.30 -16.50 19.84
C4D HEC FA . 37.55 -17.30 21.01
CMD HEC FA . 38.42 -14.21 18.88
CAD HEC FA . 36.25 -16.73 18.73
CBD HEC FA . 37.05 -17.31 17.57
CGD HEC FA . 36.25 -17.48 16.29
O1D HEC FA . 35.05 -17.11 16.23
O2D HEC FA . 36.85 -17.95 15.30
S SO4 GA . 30.43 -12.21 16.24
O1 SO4 GA . 31.51 -11.72 15.40
O2 SO4 GA . 30.97 -13.07 17.29
O3 SO4 GA . 29.76 -11.05 16.85
O4 SO4 GA . 29.47 -12.95 15.45
S SO4 HA . 27.42 -15.26 33.36
O1 SO4 HA . 28.26 -14.08 33.28
O2 SO4 HA . 28.28 -16.43 33.24
O3 SO4 HA . 26.74 -15.33 34.65
O4 SO4 HA . 26.41 -15.20 32.32
S SO4 IA . 47.80 -19.36 15.13
O1 SO4 IA . 48.26 -19.60 13.76
O2 SO4 IA . 48.93 -19.10 16.01
O3 SO4 IA . 46.91 -18.20 15.13
O4 SO4 IA . 47.07 -20.53 15.61
I IOD JA . 47.67 -22.41 41.42
FE HEC KA . 47.02 -4.24 16.81
CHA HEC KA . 48.34 -2.52 19.46
CHB HEC KA . 48.00 -1.74 14.72
CHC HEC KA . 46.13 -6.18 14.12
CHD HEC KA . 45.48 -6.42 18.88
NA HEC KA . 47.99 -2.47 17.05
C1A HEC KA . 48.41 -1.92 18.23
C2A HEC KA . 48.98 -0.61 17.96
C3A HEC KA . 48.87 -0.40 16.64
C4A HEC KA . 48.26 -1.58 16.06
CMA HEC KA . 49.34 0.83 15.84
CAA HEC KA . 49.54 0.38 19.01
CBA HEC KA . 48.33 1.13 19.60
CGA HEC KA . 48.70 2.11 20.68
O1A HEC KA . 47.83 2.95 21.10
O2A HEC KA . 49.88 2.10 21.15
NB HEC KA . 47.07 -4.01 14.82
C1B HEC KA . 47.52 -2.90 14.15
C2B HEC KA . 47.47 -3.19 12.74
C3B HEC KA . 46.91 -4.39 12.56
C4B HEC KA . 46.69 -4.95 13.88
CMB HEC KA . 47.82 -2.16 11.65
CAB HEC KA . 46.62 -5.13 11.24
CBB HEC KA . 47.91 -5.39 10.43
NC HEC KA . 45.97 -5.95 16.53
C1C HEC KA . 45.78 -6.65 15.36
C2C HEC KA . 45.12 -7.92 15.65
C3C HEC KA . 45.00 -8.02 16.99
C4C HEC KA . 45.49 -6.75 17.55
CMC HEC KA . 44.84 -9.00 14.57
CAC HEC KA . 44.34 -9.13 17.86
CBC HEC KA . 44.59 -10.61 17.53
ND HEC KA . 46.89 -4.41 18.81
C1D HEC KA . 46.27 -5.47 19.46
C2D HEC KA . 46.60 -5.44 20.86
C3D HEC KA . 47.49 -4.24 21.05
C4D HEC KA . 47.63 -3.66 19.73
CMD HEC KA . 46.15 -6.42 21.97
CAD HEC KA . 48.14 -3.78 22.38
CBD HEC KA . 49.44 -4.58 22.41
CGD HEC KA . 50.16 -4.58 23.75
O1D HEC KA . 49.81 -3.80 24.66
O2D HEC KA . 51.09 -5.40 23.88
S SO4 LA . 48.05 7.75 -4.60
O1 SO4 LA . 48.06 7.01 -3.34
O2 SO4 LA . 46.69 8.12 -4.95
O3 SO4 LA . 48.85 8.98 -4.43
O4 SO4 LA . 48.63 6.94 -5.66
S SO4 MA . 36.82 7.55 4.74
O1 SO4 MA . 37.52 8.51 3.88
O2 SO4 MA . 37.43 6.21 4.64
O3 SO4 MA . 36.89 8.04 6.11
O4 SO4 MA . 35.43 7.46 4.31
S SO4 NA . 53.32 -14.10 17.16
O1 SO4 NA . 54.04 -13.01 16.51
O2 SO4 NA . 54.29 -15.03 17.75
O3 SO4 NA . 52.48 -13.58 18.23
O4 SO4 NA . 52.50 -14.81 16.18
I IOD OA . 47.67 -7.06 25.44
I IOD PA . 38.97 9.00 16.98
S SO4 QA . 30.07 21.61 -13.55
O1 SO4 QA . 30.43 21.80 -12.15
O2 SO4 QA . 29.15 22.67 -13.93
O3 SO4 QA . 31.25 21.63 -14.39
O4 SO4 QA . 29.41 20.31 -13.69
FE HEC RA . 38.37 7.77 -14.41
CHA HEC RA . 39.92 9.54 -11.89
CHB HEC RA . 39.17 10.24 -16.62
CHC HEC RA . 37.23 5.79 -16.93
CHD HEC RA . 37.00 5.61 -12.11
NA HEC RA . 39.37 9.56 -14.28
C1A HEC RA . 39.89 10.12 -13.14
C2A HEC RA . 40.46 11.41 -13.49
C3A HEC RA . 40.25 11.61 -14.81
C4A HEC RA . 39.55 10.44 -15.32
CMA HEC RA . 40.64 12.80 -15.71
CAA HEC RA . 41.13 12.40 -12.51
CBA HEC RA . 39.96 13.15 -11.87
CGA HEC RA . 40.42 14.19 -10.86
O1A HEC RA . 39.60 15.06 -10.47
O2A HEC RA . 41.59 14.13 -10.42
NB HEC RA . 38.24 7.97 -16.37
C1B HEC RA . 38.64 9.06 -17.11
C2B HEC RA . 38.44 8.76 -18.51
C3B HEC RA . 37.88 7.54 -18.60
C4B HEC RA . 37.76 7.02 -17.26
CMB HEC RA . 38.71 9.76 -19.66
CAB HEC RA . 37.45 6.78 -19.88
CBB HEC RA . 38.64 6.50 -20.82
NC HEC RA . 37.25 6.02 -14.51
C1C HEC RA . 36.98 5.33 -15.67
C2C HEC RA . 36.41 4.04 -15.32
C3C HEC RA . 36.37 3.97 -13.96
C4C HEC RA . 36.88 5.23 -13.44
CMC HEC RA . 36.00 2.96 -16.36
CAC HEC RA . 35.78 2.84 -13.06
CBC HEC RA . 36.11 1.37 -13.39
ND HEC RA . 38.40 7.63 -12.33
C1D HEC RA . 37.87 6.56 -11.62
C2D HEC RA . 38.36 6.61 -10.26
C3D HEC RA . 39.27 7.83 -10.20
C4D HEC RA . 39.23 8.40 -11.52
CMD HEC RA . 38.05 5.66 -9.08
CAD HEC RA . 40.06 8.32 -8.98
CBD HEC RA . 41.44 7.67 -9.00
CGD HEC RA . 42.25 8.16 -7.81
O1D HEC RA . 43.42 8.57 -7.98
O2D HEC RA . 41.72 8.17 -6.68
S SO4 SA . 45.22 -1.84 -14.38
O1 SO4 SA . 45.65 -0.52 -13.89
O2 SO4 SA . 45.56 -1.95 -15.79
O3 SO4 SA . 45.90 -2.88 -13.61
O4 SO4 SA . 43.77 -1.98 -14.19
I IOD TA . 40.53 5.58 -5.74
S SO4 UA . 16.45 -4.58 -0.83
O1 SO4 UA . 16.27 -3.59 -1.88
O2 SO4 UA . 17.85 -4.87 -0.63
O3 SO4 UA . 15.87 -4.11 0.43
O4 SO4 UA . 15.77 -5.81 -1.27
FE HEC VA . 30.92 -6.04 -7.84
CHA HEC VA . 28.69 -7.02 -10.21
CHB HEC VA . 29.89 -8.58 -5.80
CHC HEC VA . 33.49 -5.28 -5.68
CHD HEC VA . 31.51 -3.09 -9.52
NA HEC VA . 29.51 -7.55 -7.99
C1A HEC VA . 28.67 -7.75 -9.06
C2A HEC VA . 27.81 -8.90 -8.73
C3A HEC VA . 28.16 -9.31 -7.50
C4A HEC VA . 29.23 -8.47 -7.02
CMA HEC VA . 27.57 -10.46 -6.66
CAA HEC VA . 26.68 -9.46 -9.63
CBA HEC VA . 25.44 -8.62 -9.33
CGA HEC VA . 24.25 -8.94 -10.23
O1A HEC VA . 23.15 -8.39 -9.98
O2A HEC VA . 24.41 -9.76 -11.17
NB HEC VA . 31.55 -6.78 -6.11
C1B HEC VA . 31.00 -7.85 -5.44
C2B HEC VA . 31.83 -8.13 -4.30
C3B HEC VA . 32.80 -7.20 -4.24
C4B HEC VA . 32.66 -6.36 -5.40
CMB HEC VA . 31.50 -9.21 -3.24
CAB HEC VA . 33.93 -7.03 -3.20
CBB HEC VA . 34.90 -8.23 -3.24
NC HEC VA . 32.25 -4.44 -7.60
C1C HEC VA . 33.28 -4.40 -6.70
C2C HEC VA . 34.05 -3.19 -6.97
C3C HEC VA . 33.56 -2.64 -8.10
C4C HEC VA . 32.37 -3.39 -8.47
CMC HEC VA . 35.37 -2.87 -6.23
CAC HEC VA . 33.98 -1.35 -8.85
CBC HEC VA . 35.47 -1.17 -9.16
ND HEC VA . 30.19 -5.17 -9.56
C1D HEC VA . 30.66 -3.99 -10.12
C2D HEC VA . 30.15 -3.86 -11.46
C3D HEC VA . 29.28 -5.09 -11.69
C4D HEC VA . 29.35 -5.84 -10.46
CMD HEC VA . 30.43 -2.71 -12.44
CAD HEC VA . 28.49 -5.44 -12.98
CBD HEC VA . 29.51 -6.18 -13.85
CGD HEC VA . 29.04 -6.38 -15.26
O1D HEC VA . 27.86 -6.07 -15.57
O2D HEC VA . 29.85 -6.85 -16.11
S SO4 WA . 40.84 -7.71 -13.54
O1 SO4 WA . 42.18 -7.86 -14.13
O2 SO4 WA . 40.99 -7.11 -12.21
O3 SO4 WA . 40.01 -6.86 -14.38
O4 SO4 WA . 40.22 -9.02 -13.43
I IOD XA . 29.74 -2.81 -16.20
FE HEC YA . -40.62 11.24 -25.85
CHA HEC YA . -38.53 8.67 -25.06
CHB HEC YA . -40.58 10.32 -29.13
CHC HEC YA . -43.06 13.57 -26.49
CHD HEC YA . -40.18 12.68 -22.72
NA HEC YA . -39.72 9.76 -26.88
C1A HEC YA . -38.86 8.81 -26.39
C2A HEC YA . -38.39 8.01 -27.51
C3A HEC YA . -38.98 8.48 -28.62
C4A HEC YA . -39.82 9.59 -28.25
CMA HEC YA . -38.85 8.02 -30.10
CAA HEC YA . -37.38 6.83 -27.40
CBA HEC YA . -35.98 7.45 -27.50
CGA HEC YA . -34.86 6.43 -27.40
O1A HEC YA . -33.69 6.82 -27.57
O2A HEC YA . -35.13 5.23 -27.14
NB HEC YA . -41.59 11.83 -27.47
C1B HEC YA . -41.47 11.30 -28.74
C2B HEC YA . -42.47 11.89 -29.57
C3B HEC YA . -43.15 12.80 -28.85
C4B HEC YA . -42.62 12.77 -27.52
CMB HEC YA . -42.63 11.59 -31.08
CAB HEC YA . -44.31 13.73 -29.27
CBB HEC YA . -45.52 12.95 -29.79
NC HEC YA . -41.43 12.86 -24.82
C1C HEC YA . -42.49 13.62 -25.24
C2C HEC YA . -42.91 14.49 -24.17
C3C HEC YA . -42.14 14.23 -23.10
C4C HEC YA . -41.18 13.21 -23.50
CMC HEC YA . -44.13 15.44 -24.29
CAC HEC YA . -42.17 14.90 -21.70
CBC HEC YA . -43.52 14.92 -20.97
ND HEC YA . -39.51 10.78 -24.19
C1D HEC YA . -39.57 11.46 -22.95
C2D HEC YA . -38.89 10.67 -21.96
C3D HEC YA . -38.38 9.44 -22.69
C4D HEC YA . -38.81 9.57 -24.06
CMD HEC YA . -38.68 11.00 -20.46
CAD HEC YA . -37.61 8.27 -22.06
CBD HEC YA . -38.68 7.35 -21.48
CGD HEC YA . -38.14 6.21 -20.64
O1D HEC YA . -36.90 6.14 -20.41
O2D HEC YA . -38.94 5.37 -20.18
S SO4 ZA . -35.26 20.59 -42.52
O1 SO4 ZA . -34.99 21.93 -43.06
O2 SO4 ZA . -34.09 20.10 -41.80
O3 SO4 ZA . -36.40 20.67 -41.63
O4 SO4 ZA . -35.55 19.67 -43.63
I IOD AB . -48.18 21.77 -41.77
I IOD BB . -37.89 8.56 -17.61
FE HEC CB . -42.93 21.32 -12.37
CHA HEC CB . -42.96 24.53 -13.69
CHB HEC CB . -43.22 22.60 -9.26
CHC HEC CB . -43.28 18.12 -11.17
CHD HEC CB . -41.97 20.04 -15.42
NA HEC CB . -43.05 23.23 -11.61
C1A HEC CB . -43.02 24.42 -12.31
C2A HEC CB . -43.12 25.50 -11.36
C3A HEC CB . -43.18 24.98 -10.13
C4A HEC CB . -43.15 23.53 -10.27
CMA HEC CB . -43.29 25.74 -8.77
CAA HEC CB . -43.08 27.00 -11.74
CBA HEC CB . -41.62 27.37 -11.99
CGA HEC CB . -41.46 28.86 -12.28
O1A HEC CB . -40.30 29.34 -12.25
O2A HEC CB . -42.47 29.54 -12.54
NB HEC CB . -43.19 20.52 -10.58
C1B HEC CB . -43.32 21.23 -9.42
C2B HEC CB . -43.66 20.29 -8.36
C3B HEC CB . -43.65 19.06 -8.87
C4B HEC CB . -43.37 19.17 -10.28
CMB HEC CB . -43.83 20.67 -6.88
CAB HEC CB . -43.90 17.74 -8.12
CBB HEC CB . -45.32 17.61 -7.53
NC HEC CB . -42.62 19.41 -13.15
C1C HEC CB . -42.91 18.24 -12.50
C2C HEC CB . -42.80 17.14 -13.46
C3C HEC CB . -42.43 17.66 -14.64
C4C HEC CB . -42.31 19.11 -14.46
CMC HEC CB . -43.02 15.65 -13.11
CAC HEC CB . -42.09 16.89 -15.96
CBC HEC CB . -43.03 15.82 -16.53
ND HEC CB . -42.50 22.16 -14.23
C1D HEC CB . -42.23 21.40 -15.37
C2D HEC CB . -42.28 22.26 -16.54
C3D HEC CB . -42.58 23.65 -16.01
C4D HEC CB . -42.71 23.49 -14.57
CMD HEC CB . -42.07 21.90 -18.02
CAD HEC CB . -42.78 24.90 -16.88
CBD HEC CB . -44.24 24.79 -17.30
CGD HEC CB . -44.65 25.80 -18.36
O1D HEC CB . -43.82 26.67 -18.72
O2D HEC CB . -45.81 25.74 -18.83
S SO4 DB . -29.90 29.96 -6.05
O1 SO4 DB . -29.64 30.12 -7.48
O2 SO4 DB . -28.63 29.92 -5.33
O3 SO4 DB . -30.70 31.08 -5.56
O4 SO4 DB . -30.62 28.71 -5.83
S SO4 EB . -52.24 16.47 -17.68
O1 SO4 EB . -51.26 17.19 -18.50
O2 SO4 EB . -51.80 15.10 -17.48
O3 SO4 EB . -52.37 17.13 -16.38
O4 SO4 EB . -53.52 16.46 -18.37
I IOD FB . -43.06 23.74 -21.16
FE HEC GB . -31.99 1.93 7.15
CHA HEC GB . -30.36 -0.77 8.44
CHB HEC GB . -31.63 0.61 3.98
CHC HEC GB . -33.95 4.46 5.95
CHD HEC GB . -31.91 3.54 10.24
NA HEC GB . -31.16 0.20 6.34
C1A HEC GB . -30.46 -0.74 7.06
C2A HEC GB . -29.88 -1.70 6.13
C3A HEC GB . -30.24 -1.31 4.90
C4A HEC GB . -31.06 -0.11 5.01
CMA HEC GB . -29.88 -1.99 3.56
CAA HEC GB . -29.01 -2.91 6.53
CBA HEC GB . -27.56 -2.43 6.71
CGA HEC GB . -26.62 -3.57 7.09
O1A HEC GB . -25.39 -3.37 7.07
O2A HEC GB . -27.10 -4.67 7.41
NB HEC GB . -32.65 2.43 5.34
C1B HEC GB . -32.40 1.77 4.15
C2B HEC GB . -33.14 2.43 3.11
C3B HEC GB . -33.76 3.50 3.65
C4B HEC GB . -33.50 3.50 5.06
CMB HEC GB . -33.09 2.02 1.62
CAB HEC GB . -34.66 4.54 2.94
CBB HEC GB . -35.91 3.89 2.31
NC HEC GB . -32.75 3.71 7.95
C1C HEC GB . -33.60 4.55 7.28
C2C HEC GB . -34.06 5.57 8.21
C3C HEC GB . -33.53 5.30 9.42
C4C HEC GB . -32.68 4.13 9.26
CMC HEC GB . -35.08 6.67 7.81
CAC HEC GB . -33.66 6.08 10.77
CBC HEC GB . -35.08 6.41 11.24
ND HEC GB . -31.22 1.49 9.00
C1D HEC GB . -31.41 2.25 10.16
C2D HEC GB . -31.01 1.46 11.30
C3D HEC GB . -30.53 0.12 10.75
C4D HEC GB . -30.69 0.23 9.32
CMD HEC GB . -31.05 1.87 12.78
CAD HEC GB . -30.02 -1.06 11.60
CBD HEC GB . -31.28 -1.87 11.90
CGD HEC GB . -31.02 -2.92 12.95
O1D HEC GB . -29.85 -3.09 13.38
O2D HEC GB . -32.00 -3.58 13.38
S SO4 HB . -17.35 2.95 0.75
O1 SO4 HB . -16.41 3.18 -0.34
O2 SO4 HB . -16.69 2.18 1.80
O3 SO4 HB . -17.80 4.21 1.32
O4 SO4 HB . -18.53 2.25 0.24
S SO4 IB . -37.72 -5.67 14.88
O1 SO4 IB . -36.39 -5.09 14.66
O2 SO4 IB . -37.61 -6.83 15.74
O3 SO4 IB . -38.57 -4.65 15.52
O4 SO4 IB . -38.31 -6.05 13.59
I IOD JB . -30.61 -0.44 15.92
FE HEC KB . -35.90 10.09 21.12
CHA HEC KB . -36.56 13.39 20.49
CHB HEC KB . -36.30 10.66 24.49
CHC HEC KB . -35.58 6.74 21.70
CHD HEC KB . -34.91 9.58 17.88
NA HEC KB . -36.35 11.72 22.28
C1A HEC KB . -36.56 13.00 21.81
C2A HEC KB . -36.78 13.87 22.96
C3A HEC KB . -36.69 13.10 24.06
C4A HEC KB . -36.44 11.74 23.65
CMA HEC KB . -36.87 13.52 25.54
CAA HEC KB . -37.02 15.40 22.91
CBA HEC KB . -35.64 16.02 22.59
CGA HEC KB . -35.67 17.53 22.58
O1A HEC KB . -34.59 18.17 22.70
O2A HEC KB . -36.77 18.11 22.48
NB HEC KB . -35.94 8.95 22.75
C1B HEC KB . -36.13 9.36 24.06
C2B HEC KB . -36.18 8.19 24.90
C3B HEC KB . -35.95 7.12 24.13
C4B HEC KB . -35.81 7.57 22.77
CMB HEC KB . -36.31 8.20 26.43
CAB HEC KB . -35.89 5.64 24.57
CBB HEC KB . -37.28 5.17 25.08
NC HEC KB . -35.29 8.48 20.00
C1C HEC KB . -35.32 7.16 20.42
C2C HEC KB . -35.12 6.30 19.26
C3C HEC KB . -34.87 7.09 18.20
C4C HEC KB . -35.02 8.47 18.65
CMC HEC KB . -35.01 4.76 19.35
CAC HEC KB . -34.53 6.69 16.74
CBC HEC KB . -35.46 5.66 16.05
ND HEC KB . -35.72 11.29 19.45
C1D HEC KB . -35.39 10.84 18.19
C2D HEC KB . -35.64 11.88 17.22
C3D HEC KB . -36.17 13.06 18.03
C4D HEC KB . -36.19 12.61 19.41
CMD HEC KB . -35.43 11.84 15.69
CAD HEC KB . -36.60 14.43 17.47
CBD HEC KB . -38.10 14.30 17.23
CGD HEC KB . -38.67 15.43 16.38
O1D HEC KB . -39.91 15.59 16.38
O2D HEC KB . -37.88 16.14 15.71
I IOD LB . -23.30 9.18 36.99
#